data_6A94
#
_entry.id   6A94
#
_cell.length_a   279.180
_cell.length_b   42.220
_cell.length_c   91.710
_cell.angle_alpha   90.00
_cell.angle_beta   92.16
_cell.angle_gamma   90.00
#
_symmetry.space_group_name_H-M   'C 1 2 1'
#
loop_
_entity.id
_entity.type
_entity.pdbx_description
1 polymer '5-hydroxytryptamine receptor 2A,Soluble cytochrome b562'
2 non-polymer 2-(3-chloranylbenzo[b][1]benzothiepin-5-yl)oxy-N,N-dimethyl-ethanamine
3 non-polymer CHOLESTEROL
4 non-polymer 'PENTAETHYLENE GLYCOL'
5 non-polymer 'ZINC ION'
6 non-polymer 'PALMITIC ACID'
7 non-polymer '2,3-dihydroxypropyl (9Z)-octadec-9-enoate'
#
_entity_poly.entity_id   1
_entity_poly.type   'polypeptide(L)'
_entity_poly.pdbx_seq_one_letter_code
;GGTHLQEKNWSALLTAVVIILTIAGNILVIMAVSLEKKLQNATNYFLMSLAIADMLLGFLVMPVSMLTILYGYRWPLPSK
LCAVWIYLDVLFSTAKIWHLCAISLDRYVAIQNPIHHSRFNSRTKAFLKIIAVWTISVGISMPIPVFGLQDDSKVFKEGS
CLLADDNFVLIGSFVSFFIPLTIMVITYFLTIKSLQKEAADLEDNWETLNDNLKVIEKADNAAQVKDALTKMRAAALDAG
SGSGDILVGQIDDALKLANEGKVKEAQAAAEQLKTTINAYIQKYGQSISNEQKACKVLGIVFFLFVVMWCPFFITNIMAV
ICKESCNEDVIGALLNVFVWIGYLSSAVNPLVYTLFNKTYRSAFSRYIQCQYKENK
;
_entity_poly.pdbx_strand_id   A,B
#
loop_
_chem_comp.id
_chem_comp.type
_chem_comp.name
_chem_comp.formula
1PE non-polymer 'PENTAETHYLENE GLYCOL' 'C10 H22 O6'
A6L non-polymer '2,3-dihydroxypropyl (9Z)-octadec-9-enoate' 'C21 H40 O4'
CLR non-polymer CHOLESTEROL 'C27 H46 O'
PLM non-polymer 'PALMITIC ACID' 'C16 H32 O2'
ZN non-polymer 'ZINC ION' 'Zn 2'
ZOT non-polymer 2-(3-chloranylbenzo[b][1]benzothiepin-5-yl)oxy-N,N-dimethyl-ethanamine 'C18 H18 Cl N O S'
#
# COMPACT_ATOMS: atom_id res chain seq x y z
N THR A 3 -56.15 -5.96 18.73
CA THR A 3 -55.18 -6.70 17.93
C THR A 3 -53.98 -5.84 17.62
N HIS A 4 -54.22 -4.55 17.39
CA HIS A 4 -53.13 -3.61 17.17
C HIS A 4 -52.23 -3.52 18.40
N LEU A 5 -52.85 -3.32 19.57
CA LEU A 5 -52.09 -3.31 20.82
C LEU A 5 -51.43 -4.66 21.07
N GLN A 6 -52.12 -5.75 20.75
CA GLN A 6 -51.55 -7.09 20.88
C GLN A 6 -50.26 -7.21 20.08
N GLU A 7 -50.30 -6.81 18.81
CA GLU A 7 -49.12 -6.92 17.95
C GLU A 7 -47.99 -6.00 18.43
N LYS A 8 -48.31 -4.75 18.80
CA LYS A 8 -47.23 -3.88 19.24
C LYS A 8 -46.62 -4.36 20.55
N ASN A 9 -47.42 -4.94 21.45
CA ASN A 9 -46.89 -5.39 22.73
C ASN A 9 -46.01 -6.63 22.57
N TRP A 10 -46.42 -7.58 21.72
CA TRP A 10 -45.56 -8.74 21.52
C TRP A 10 -44.31 -8.39 20.71
N SER A 11 -44.42 -7.45 19.76
CA SER A 11 -43.22 -7.00 19.07
C SER A 11 -42.25 -6.32 20.02
N ALA A 12 -42.76 -5.47 20.92
CA ALA A 12 -41.91 -4.85 21.92
C ALA A 12 -41.28 -5.88 22.86
N LEU A 13 -42.04 -6.91 23.23
CA LEU A 13 -41.49 -7.94 24.10
C LEU A 13 -40.37 -8.72 23.42
N LEU A 14 -40.57 -9.11 22.16
CA LEU A 14 -39.52 -9.79 21.42
C LEU A 14 -38.28 -8.92 21.29
N THR A 15 -38.48 -7.63 21.02
CA THR A 15 -37.34 -6.73 20.92
C THR A 15 -36.62 -6.60 22.26
N ALA A 16 -37.37 -6.62 23.37
CA ALA A 16 -36.74 -6.58 24.67
C ALA A 16 -35.92 -7.84 24.93
N VAL A 17 -36.43 -8.99 24.49
CA VAL A 17 -35.66 -10.23 24.58
C VAL A 17 -34.35 -10.10 23.80
N VAL A 18 -34.42 -9.54 22.59
CA VAL A 18 -33.21 -9.34 21.79
C VAL A 18 -32.24 -8.40 22.52
N ILE A 19 -32.77 -7.34 23.13
CA ILE A 19 -31.93 -6.37 23.83
C ILE A 19 -31.21 -7.04 24.99
N ILE A 20 -31.94 -7.82 25.78
CA ILE A 20 -31.33 -8.44 26.96
C ILE A 20 -30.28 -9.47 26.54
N LEU A 21 -30.57 -10.25 25.49
CA LEU A 21 -29.58 -11.19 24.99
C LEU A 21 -28.31 -10.46 24.56
N THR A 22 -28.48 -9.37 23.81
CA THR A 22 -27.33 -8.57 23.37
C THR A 22 -26.50 -8.12 24.57
N ILE A 23 -27.15 -7.48 25.54
CA ILE A 23 -26.43 -6.92 26.68
C ILE A 23 -25.68 -8.02 27.42
N ALA A 24 -26.36 -9.13 27.72
CA ALA A 24 -25.74 -10.20 28.50
C ALA A 24 -24.56 -10.81 27.76
N GLY A 25 -24.76 -11.18 26.49
CA GLY A 25 -23.68 -11.80 25.74
C GLY A 25 -22.47 -10.91 25.59
N ASN A 26 -22.68 -9.63 25.29
CA ASN A 26 -21.53 -8.76 25.08
C ASN A 26 -20.84 -8.41 26.39
N ILE A 27 -21.59 -8.31 27.50
CA ILE A 27 -20.94 -8.15 28.79
C ILE A 27 -20.08 -9.36 29.11
N LEU A 28 -20.60 -10.57 28.83
CA LEU A 28 -19.81 -11.78 29.05
C LEU A 28 -18.53 -11.78 28.22
N VAL A 29 -18.65 -11.36 26.95
CA VAL A 29 -17.45 -11.32 26.10
C VAL A 29 -16.44 -10.32 26.65
N ILE A 30 -16.91 -9.15 27.09
CA ILE A 30 -16.00 -8.16 27.68
C ILE A 30 -15.29 -8.75 28.88
N MET A 31 -16.04 -9.44 29.76
CA MET A 31 -15.45 -10.05 30.94
C MET A 31 -14.41 -11.09 30.56
N ALA A 32 -14.72 -11.94 29.57
CA ALA A 32 -13.80 -13.00 29.17
C ALA A 32 -12.52 -12.44 28.58
N VAL A 33 -12.61 -11.38 27.79
CA VAL A 33 -11.41 -10.81 27.19
C VAL A 33 -10.58 -10.07 28.24
N SER A 34 -11.25 -9.41 29.19
CA SER A 34 -10.52 -8.63 30.20
C SER A 34 -9.94 -9.49 31.31
N LEU A 35 -10.44 -10.72 31.50
CA LEU A 35 -9.98 -11.57 32.59
C LEU A 35 -9.09 -12.71 32.12
N GLU A 36 -9.49 -13.45 31.10
CA GLU A 36 -8.74 -14.65 30.68
C GLU A 36 -7.41 -14.24 30.06
N LYS A 37 -6.32 -14.80 30.60
CA LYS A 37 -4.99 -14.48 30.10
C LYS A 37 -4.67 -15.19 28.79
N LYS A 38 -5.41 -16.23 28.42
CA LYS A 38 -5.21 -16.86 27.12
C LYS A 38 -5.61 -15.94 25.98
N LEU A 39 -6.60 -15.08 26.20
CA LEU A 39 -7.19 -14.25 25.15
C LEU A 39 -6.65 -12.83 25.15
N GLN A 40 -5.33 -12.69 25.24
CA GLN A 40 -4.69 -11.38 25.31
C GLN A 40 -4.00 -10.99 24.00
N ASN A 41 -4.40 -11.58 22.88
CA ASN A 41 -3.84 -11.20 21.59
C ASN A 41 -4.62 -10.03 21.00
N ALA A 42 -4.16 -9.54 19.84
CA ALA A 42 -4.80 -8.38 19.23
C ALA A 42 -6.19 -8.69 18.72
N THR A 43 -6.40 -9.88 18.16
CA THR A 43 -7.70 -10.26 17.63
C THR A 43 -8.76 -10.23 18.72
N ASN A 44 -8.46 -10.75 19.90
CA ASN A 44 -9.44 -10.73 20.98
C ASN A 44 -9.66 -9.32 21.50
N TYR A 45 -8.66 -8.44 21.44
CA TYR A 45 -8.88 -7.05 21.80
C TYR A 45 -9.86 -6.40 20.83
N PHE A 46 -9.70 -6.67 19.53
CA PHE A 46 -10.66 -6.17 18.56
C PHE A 46 -12.05 -6.76 18.80
N LEU A 47 -12.11 -8.03 19.19
CA LEU A 47 -13.41 -8.64 19.46
C LEU A 47 -14.07 -8.02 20.69
N MET A 48 -13.29 -7.65 21.69
CA MET A 48 -13.86 -6.96 22.85
C MET A 48 -14.31 -5.55 22.49
N SER A 49 -13.57 -4.89 21.61
CA SER A 49 -14.05 -3.60 21.08
C SER A 49 -15.38 -3.79 20.36
N LEU A 50 -15.49 -4.86 19.56
CA LEU A 50 -16.75 -5.18 18.91
C LEU A 50 -17.86 -5.43 19.93
N ALA A 51 -17.53 -6.10 21.03
CA ALA A 51 -18.52 -6.38 22.07
C ALA A 51 -18.96 -5.09 22.76
N ILE A 52 -18.03 -4.16 22.99
CA ILE A 52 -18.39 -2.87 23.56
C ILE A 52 -19.29 -2.10 22.62
N ALA A 53 -18.98 -2.13 21.31
CA ALA A 53 -19.85 -1.48 20.33
C ALA A 53 -21.25 -2.08 20.35
N ASP A 54 -21.34 -3.41 20.42
CA ASP A 54 -22.64 -4.07 20.48
C ASP A 54 -23.38 -3.74 21.76
N MET A 55 -22.67 -3.63 22.88
CA MET A 55 -23.32 -3.28 24.13
C MET A 55 -23.84 -1.84 24.08
N LEU A 56 -23.06 -0.93 23.50
CA LEU A 56 -23.55 0.44 23.33
C LEU A 56 -24.74 0.49 22.38
N LEU A 57 -24.75 -0.37 21.35
CA LEU A 57 -25.89 -0.44 20.45
C LEU A 57 -27.13 -0.95 21.18
N GLY A 58 -26.97 -1.95 22.04
CA GLY A 58 -28.08 -2.48 22.82
C GLY A 58 -28.54 -1.59 23.95
N PHE A 59 -27.68 -0.68 24.41
CA PHE A 59 -28.05 0.23 25.48
C PHE A 59 -28.63 1.55 24.97
N LEU A 60 -28.11 2.08 23.86
CA LEU A 60 -28.44 3.43 23.43
C LEU A 60 -29.34 3.49 22.21
N VAL A 61 -29.38 2.45 21.39
CA VAL A 61 -30.13 2.47 20.13
C VAL A 61 -31.34 1.56 20.20
N MET A 62 -31.14 0.31 20.60
CA MET A 62 -32.23 -0.66 20.56
C MET A 62 -33.40 -0.33 21.48
N PRO A 63 -33.19 0.10 22.73
CA PRO A 63 -34.37 0.46 23.55
C PRO A 63 -35.11 1.68 23.01
N VAL A 64 -34.39 2.66 22.46
CA VAL A 64 -35.06 3.80 21.82
C VAL A 64 -35.84 3.34 20.61
N SER A 65 -35.34 2.33 19.88
CA SER A 65 -36.09 1.78 18.78
C SER A 65 -37.37 1.09 19.26
N MET A 66 -37.28 0.37 20.38
CA MET A 66 -38.48 -0.23 20.96
C MET A 66 -39.48 0.85 21.38
N LEU A 67 -38.98 1.93 21.97
CA LEU A 67 -39.86 3.04 22.35
C LEU A 67 -40.54 3.65 21.13
N THR A 68 -39.79 3.82 20.04
CA THR A 68 -40.37 4.28 18.79
C THR A 68 -41.46 3.32 18.31
N ILE A 69 -41.23 2.02 18.45
CA ILE A 69 -42.24 1.03 18.09
C ILE A 69 -43.50 1.25 18.93
N LEU A 70 -43.33 1.47 20.23
CA LEU A 70 -44.48 1.63 21.12
C LEU A 70 -45.33 2.84 20.76
N TYR A 71 -44.71 3.90 20.24
CA TYR A 71 -45.41 5.13 19.86
C TYR A 71 -45.82 5.15 18.41
N GLY A 72 -46.08 3.99 17.80
CA GLY A 72 -46.51 3.95 16.42
C GLY A 72 -45.52 4.52 15.44
N TYR A 73 -44.23 4.40 15.73
CA TYR A 73 -43.14 4.89 14.88
C TYR A 73 -43.15 6.40 14.72
N ARG A 74 -43.74 7.12 15.67
CA ARG A 74 -43.63 8.58 15.73
C ARG A 74 -42.64 8.94 16.82
N TRP A 75 -41.72 9.84 16.49
CA TRP A 75 -40.61 10.19 17.38
C TRP A 75 -41.12 10.87 18.65
N PRO A 76 -41.03 10.23 19.82
CA PRO A 76 -41.56 10.85 21.05
C PRO A 76 -40.61 11.86 21.65
N LEU A 77 -39.31 11.60 21.50
CA LEU A 77 -38.28 12.47 22.07
C LEU A 77 -38.24 13.78 21.30
N PRO A 78 -37.48 14.77 21.78
CA PRO A 78 -37.31 16.00 21.00
C PRO A 78 -36.79 15.71 19.60
N SER A 79 -37.13 16.60 18.67
CA SER A 79 -36.80 16.37 17.26
C SER A 79 -35.29 16.37 17.01
N LYS A 80 -34.52 17.12 17.81
CA LYS A 80 -33.08 17.17 17.62
C LYS A 80 -32.40 15.85 18.02
N LEU A 81 -33.07 14.99 18.79
CA LEU A 81 -32.48 13.72 19.21
C LEU A 81 -32.61 12.63 18.17
N CYS A 82 -33.46 12.81 17.15
CA CYS A 82 -33.56 11.82 16.08
C CYS A 82 -32.25 11.70 15.32
N ALA A 83 -31.65 12.84 14.98
CA ALA A 83 -30.35 12.83 14.31
C ALA A 83 -29.30 12.16 15.18
N VAL A 84 -29.33 12.41 16.49
CA VAL A 84 -28.36 11.79 17.40
C VAL A 84 -28.56 10.28 17.45
N TRP A 85 -29.82 9.84 17.44
CA TRP A 85 -30.12 8.41 17.46
C TRP A 85 -29.60 7.73 16.20
N ILE A 86 -29.93 8.29 15.03
CA ILE A 86 -29.44 7.73 13.77
C ILE A 86 -27.92 7.74 13.74
N TYR A 87 -27.31 8.82 14.25
CA TYR A 87 -25.85 8.92 14.24
C TYR A 87 -25.22 7.84 15.10
N LEU A 88 -25.74 7.63 16.31
CA LEU A 88 -25.16 6.60 17.17
C LEU A 88 -25.35 5.21 16.58
N ASP A 89 -26.52 4.95 15.99
CA ASP A 89 -26.76 3.66 15.35
C ASP A 89 -25.76 3.42 14.22
N VAL A 90 -25.65 4.39 13.30
CA VAL A 90 -24.75 4.25 12.15
C VAL A 90 -23.30 4.13 12.62
N LEU A 91 -22.94 4.90 13.65
CA LEU A 91 -21.57 4.89 14.15
C LEU A 91 -21.21 3.53 14.72
N PHE A 92 -22.08 2.96 15.55
CA PHE A 92 -21.78 1.66 16.13
C PHE A 92 -21.73 0.58 15.07
N SER A 93 -22.65 0.59 14.10
CA SER A 93 -22.63 -0.43 13.07
C SER A 93 -21.40 -0.30 12.18
N THR A 94 -21.00 0.92 11.86
CA THR A 94 -19.80 1.14 11.05
C THR A 94 -18.55 0.70 11.80
N ALA A 95 -18.48 1.01 13.10
CA ALA A 95 -17.37 0.53 13.91
C ALA A 95 -17.32 -0.99 13.91
N LYS A 96 -18.47 -1.65 14.03
CA LYS A 96 -18.48 -3.12 13.98
C LYS A 96 -17.91 -3.65 12.67
N ILE A 97 -18.46 -3.17 11.55
CA ILE A 97 -18.09 -3.73 10.25
C ILE A 97 -16.63 -3.45 9.94
N TRP A 98 -16.15 -2.24 10.28
CA TRP A 98 -14.75 -1.91 10.03
C TRP A 98 -13.81 -2.57 11.03
N HIS A 99 -14.27 -2.91 12.23
CA HIS A 99 -13.46 -3.74 13.11
C HIS A 99 -13.27 -5.13 12.49
N LEU A 100 -14.35 -5.70 11.93
CA LEU A 100 -14.18 -6.99 11.27
C LEU A 100 -13.22 -6.89 10.09
N CYS A 101 -13.37 -5.85 9.28
CA CYS A 101 -12.47 -5.66 8.15
C CYS A 101 -11.02 -5.48 8.61
N ALA A 102 -10.82 -4.72 9.69
CA ALA A 102 -9.49 -4.49 10.21
C ALA A 102 -8.88 -5.77 10.77
N ILE A 103 -9.70 -6.59 11.44
CA ILE A 103 -9.22 -7.90 11.90
C ILE A 103 -8.72 -8.71 10.72
N SER A 104 -9.53 -8.79 9.66
CA SER A 104 -9.12 -9.58 8.49
C SER A 104 -7.79 -9.08 7.94
N LEU A 105 -7.70 -7.78 7.64
CA LEU A 105 -6.48 -7.24 7.06
C LEU A 105 -5.29 -7.43 7.99
N ASP A 106 -5.48 -7.18 9.28
CA ASP A 106 -4.39 -7.25 10.25
C ASP A 106 -3.86 -8.67 10.35
N ARG A 107 -4.74 -9.65 10.49
CA ARG A 107 -4.30 -11.04 10.59
C ARG A 107 -3.60 -11.49 9.31
N TYR A 108 -4.12 -11.06 8.15
CA TYR A 108 -3.49 -11.43 6.89
C TYR A 108 -2.09 -10.86 6.79
N VAL A 109 -1.95 -9.55 6.98
CA VAL A 109 -0.63 -8.92 6.92
C VAL A 109 0.28 -9.53 7.96
N ALA A 110 -0.27 -9.93 9.10
CA ALA A 110 0.53 -10.52 10.16
C ALA A 110 1.12 -11.85 9.72
N ILE A 111 0.28 -12.74 9.17
CA ILE A 111 0.78 -14.04 8.76
C ILE A 111 1.71 -13.92 7.55
N GLN A 112 1.66 -12.78 6.84
CA GLN A 112 2.63 -12.55 5.76
C GLN A 112 4.07 -12.25 6.28
N ASN A 113 4.35 -12.42 7.57
CA ASN A 113 5.62 -12.04 8.20
C ASN A 113 6.36 -13.28 8.67
N PRO A 114 7.60 -13.52 8.20
CA PRO A 114 8.25 -14.83 8.44
C PRO A 114 8.38 -15.23 9.89
N ILE A 115 8.38 -14.31 10.86
CA ILE A 115 8.49 -14.73 12.24
C ILE A 115 7.18 -14.50 12.98
N HIS A 116 6.06 -14.60 12.25
CA HIS A 116 4.79 -14.26 12.88
C HIS A 116 4.28 -15.34 13.83
N HIS A 117 5.07 -16.39 14.09
CA HIS A 117 4.75 -17.31 15.16
C HIS A 117 5.58 -17.04 16.42
N SER A 118 6.26 -15.90 16.47
CA SER A 118 6.99 -15.48 17.66
C SER A 118 6.01 -15.18 18.79
N ARG A 119 6.55 -15.18 20.02
CA ARG A 119 5.77 -14.92 21.22
C ARG A 119 5.72 -13.45 21.61
N PHE A 120 6.20 -12.54 20.77
CA PHE A 120 6.27 -11.12 21.10
C PHE A 120 5.26 -10.38 20.24
N ASN A 121 4.06 -10.21 20.78
CA ASN A 121 2.98 -9.49 20.12
C ASN A 121 2.60 -8.29 20.99
N SER A 122 2.62 -7.10 20.38
CA SER A 122 2.42 -5.85 21.12
C SER A 122 0.95 -5.62 21.39
N ARG A 123 0.61 -5.46 22.67
CA ARG A 123 -0.77 -5.19 23.08
C ARG A 123 -1.15 -3.74 22.80
N THR A 124 -0.22 -2.80 23.02
CA THR A 124 -0.52 -1.38 22.85
C THR A 124 -0.88 -1.03 21.42
N LYS A 125 -0.18 -1.63 20.45
CA LYS A 125 -0.46 -1.33 19.04
C LYS A 125 -1.89 -1.72 18.65
N ALA A 126 -2.40 -2.81 19.24
CA ALA A 126 -3.78 -3.20 18.96
C ALA A 126 -4.76 -2.16 19.47
N PHE A 127 -4.53 -1.65 20.68
CA PHE A 127 -5.39 -0.58 21.20
C PHE A 127 -5.31 0.66 20.32
N LEU A 128 -4.12 0.99 19.83
CA LEU A 128 -3.98 2.15 18.94
C LEU A 128 -4.78 1.95 17.65
N LYS A 129 -4.68 0.76 17.05
CA LYS A 129 -5.45 0.47 15.85
C LYS A 129 -6.95 0.56 16.12
N ILE A 130 -7.39 0.08 17.30
CA ILE A 130 -8.81 0.14 17.62
C ILE A 130 -9.27 1.59 17.74
N ILE A 131 -8.46 2.44 18.38
CA ILE A 131 -8.81 3.85 18.50
C ILE A 131 -8.87 4.50 17.12
N ALA A 132 -7.95 4.12 16.23
CA ALA A 132 -7.98 4.68 14.88
C ALA A 132 -9.23 4.26 14.12
N VAL A 133 -9.66 3.01 14.29
CA VAL A 133 -10.89 2.56 13.64
C VAL A 133 -12.10 3.31 14.20
N TRP A 134 -12.13 3.52 15.52
CA TRP A 134 -13.21 4.31 16.09
C TRP A 134 -13.22 5.73 15.52
N THR A 135 -12.03 6.31 15.33
CA THR A 135 -11.94 7.66 14.77
C THR A 135 -12.47 7.70 13.34
N ILE A 136 -12.09 6.72 12.51
CA ILE A 136 -12.58 6.74 11.14
C ILE A 136 -14.08 6.47 11.10
N SER A 137 -14.60 5.69 12.05
CA SER A 137 -16.05 5.50 12.11
C SER A 137 -16.76 6.81 12.44
N VAL A 138 -16.21 7.57 13.41
CA VAL A 138 -16.79 8.87 13.75
C VAL A 138 -16.75 9.80 12.55
N GLY A 139 -15.64 9.77 11.80
CA GLY A 139 -15.56 10.60 10.60
C GLY A 139 -16.53 10.20 9.53
N ILE A 140 -16.82 8.90 9.41
CA ILE A 140 -17.80 8.44 8.43
C ILE A 140 -19.20 8.85 8.85
N SER A 141 -19.48 8.83 10.16
CA SER A 141 -20.84 9.07 10.63
C SER A 141 -21.18 10.54 10.80
N MET A 142 -20.19 11.40 11.05
CA MET A 142 -20.45 12.81 11.32
C MET A 142 -21.32 13.54 10.28
N PRO A 143 -21.24 13.26 8.97
CA PRO A 143 -22.15 13.94 8.04
C PRO A 143 -23.62 13.78 8.38
N ILE A 144 -24.01 12.66 9.01
CA ILE A 144 -25.42 12.48 9.37
C ILE A 144 -25.88 13.52 10.38
N PRO A 145 -25.22 13.70 11.54
CA PRO A 145 -25.63 14.84 12.39
C PRO A 145 -25.44 16.19 11.72
N VAL A 146 -24.37 16.35 10.94
CA VAL A 146 -24.12 17.64 10.29
C VAL A 146 -25.34 18.07 9.48
N PHE A 147 -25.80 17.22 8.58
CA PHE A 147 -26.92 17.55 7.71
C PHE A 147 -28.28 17.23 8.31
N GLY A 148 -28.33 16.60 9.50
CA GLY A 148 -29.59 16.36 10.16
C GLY A 148 -30.01 17.42 11.15
N LEU A 149 -29.05 18.02 11.84
CA LEU A 149 -29.38 19.11 12.74
C LEU A 149 -29.76 20.37 11.98
N GLN A 150 -29.16 20.59 10.81
CA GLN A 150 -29.53 21.73 9.98
C GLN A 150 -30.88 21.53 9.33
N ASP A 151 -31.08 20.38 8.69
CA ASP A 151 -32.31 20.08 7.95
C ASP A 151 -33.00 18.88 8.59
N ASP A 152 -34.28 19.07 8.96
CA ASP A 152 -35.07 18.01 9.57
C ASP A 152 -35.65 17.03 8.57
N SER A 153 -35.62 17.35 7.27
CA SER A 153 -36.22 16.47 6.27
C SER A 153 -35.36 15.26 5.93
N LYS A 154 -34.05 15.32 6.16
CA LYS A 154 -33.18 14.19 5.84
C LYS A 154 -33.21 13.10 6.89
N VAL A 155 -33.77 13.36 8.08
CA VAL A 155 -33.91 12.35 9.12
C VAL A 155 -35.37 12.07 9.49
N PHE A 156 -36.32 12.83 8.95
CA PHE A 156 -37.73 12.63 9.25
C PHE A 156 -38.48 12.36 7.95
N LYS A 157 -39.46 11.47 8.03
CA LYS A 157 -40.35 11.17 6.90
C LYS A 157 -41.75 10.94 7.49
N GLU A 158 -42.58 11.98 7.46
CA GLU A 158 -43.97 11.93 7.94
C GLU A 158 -44.02 11.63 9.44
N GLY A 159 -43.27 12.42 10.21
CA GLY A 159 -43.25 12.27 11.66
C GLY A 159 -42.34 11.18 12.18
N SER A 160 -42.02 10.17 11.38
CA SER A 160 -41.14 9.10 11.80
C SER A 160 -39.68 9.50 11.66
N CYS A 161 -38.84 8.85 12.44
CA CYS A 161 -37.40 9.12 12.46
C CYS A 161 -36.67 7.99 11.73
N LEU A 162 -36.16 8.30 10.54
CA LEU A 162 -35.40 7.36 9.73
C LEU A 162 -34.68 8.13 8.64
N LEU A 163 -33.64 7.51 8.09
CA LEU A 163 -32.89 8.14 7.00
C LEU A 163 -33.80 8.32 5.80
N ALA A 164 -33.99 9.57 5.38
CA ALA A 164 -34.84 9.89 4.24
C ALA A 164 -34.08 10.36 3.02
N ASP A 165 -32.86 10.88 3.18
CA ASP A 165 -32.08 11.36 2.04
C ASP A 165 -31.60 10.17 1.21
N ASP A 166 -31.82 10.23 -0.10
CA ASP A 166 -31.42 9.12 -0.96
C ASP A 166 -29.90 9.03 -1.05
N ASN A 167 -29.23 10.18 -1.25
CA ASN A 167 -27.77 10.18 -1.30
C ASN A 167 -27.19 9.68 0.01
N PHE A 168 -27.80 10.04 1.14
CA PHE A 168 -27.38 9.50 2.43
C PHE A 168 -27.43 7.98 2.42
N VAL A 169 -28.56 7.42 2.00
CA VAL A 169 -28.72 5.96 2.01
C VAL A 169 -27.69 5.30 1.11
N LEU A 170 -27.49 5.84 -0.10
CA LEU A 170 -26.56 5.22 -1.04
C LEU A 170 -25.12 5.29 -0.54
N ILE A 171 -24.66 6.49 -0.18
CA ILE A 171 -23.29 6.65 0.29
C ILE A 171 -23.06 5.83 1.55
N GLY A 172 -24.05 5.78 2.44
CA GLY A 172 -23.89 4.99 3.65
C GLY A 172 -23.82 3.51 3.37
N SER A 173 -24.71 3.01 2.49
CA SER A 173 -24.72 1.59 2.16
C SER A 173 -23.42 1.18 1.48
N PHE A 174 -22.80 2.09 0.74
CA PHE A 174 -21.54 1.73 0.10
C PHE A 174 -20.36 1.84 1.07
N VAL A 175 -20.27 2.95 1.80
CA VAL A 175 -19.10 3.21 2.65
C VAL A 175 -19.10 2.28 3.86
N SER A 176 -20.26 1.95 4.39
CA SER A 176 -20.34 1.19 5.64
C SER A 176 -20.75 -0.27 5.45
N PHE A 177 -21.22 -0.67 4.27
CA PHE A 177 -21.63 -2.07 4.13
C PHE A 177 -20.95 -2.78 2.96
N PHE A 178 -21.07 -2.24 1.75
CA PHE A 178 -20.63 -2.95 0.56
C PHE A 178 -19.10 -3.04 0.49
N ILE A 179 -18.43 -1.90 0.63
CA ILE A 179 -16.98 -1.87 0.50
C ILE A 179 -16.29 -2.77 1.52
N PRO A 180 -16.58 -2.67 2.83
CA PRO A 180 -15.94 -3.60 3.78
C PRO A 180 -16.28 -5.05 3.50
N LEU A 181 -17.50 -5.32 3.03
CA LEU A 181 -17.87 -6.70 2.69
C LEU A 181 -16.97 -7.25 1.59
N THR A 182 -16.78 -6.48 0.52
CA THR A 182 -15.93 -6.93 -0.57
C THR A 182 -14.49 -7.13 -0.09
N ILE A 183 -13.99 -6.17 0.69
CA ILE A 183 -12.62 -6.27 1.19
C ILE A 183 -12.46 -7.52 2.06
N MET A 184 -13.46 -7.81 2.89
CA MET A 184 -13.39 -8.99 3.76
C MET A 184 -13.41 -10.28 2.96
N VAL A 185 -14.27 -10.37 1.93
CA VAL A 185 -14.28 -11.57 1.10
C VAL A 185 -12.91 -11.79 0.46
N ILE A 186 -12.37 -10.74 -0.17
CA ILE A 186 -11.08 -10.88 -0.84
C ILE A 186 -10.00 -11.29 0.15
N THR A 187 -9.94 -10.61 1.31
CA THR A 187 -8.91 -10.90 2.30
C THR A 187 -9.05 -12.31 2.85
N TYR A 188 -10.29 -12.80 2.98
CA TYR A 188 -10.51 -14.16 3.46
C TYR A 188 -9.93 -15.19 2.51
N PHE A 189 -10.19 -15.02 1.21
CA PHE A 189 -9.64 -15.98 0.27
C PHE A 189 -8.11 -15.88 0.20
N LEU A 190 -7.58 -14.64 0.20
CA LEU A 190 -6.13 -14.49 0.23
C LEU A 190 -5.52 -15.13 1.46
N THR A 191 -6.24 -15.09 2.59
CA THR A 191 -5.73 -15.69 3.83
C THR A 191 -5.69 -17.21 3.73
N ILE A 192 -6.72 -17.83 3.17
CA ILE A 192 -6.65 -19.29 3.04
C ILE A 192 -5.51 -19.68 2.12
N LYS A 193 -5.25 -18.87 1.08
CA LYS A 193 -4.12 -19.16 0.20
C LYS A 193 -2.78 -19.04 0.94
N SER A 194 -2.62 -17.99 1.74
CA SER A 194 -1.38 -17.83 2.48
C SER A 194 -1.16 -18.97 3.46
N LEU A 195 -2.23 -19.42 4.13
CA LEU A 195 -2.07 -20.52 5.07
C LEU A 195 -1.72 -21.82 4.34
N GLN A 196 -2.29 -22.04 3.15
CA GLN A 196 -1.89 -23.20 2.36
C GLN A 196 -0.41 -23.14 2.02
N LYS A 197 0.07 -21.96 1.60
CA LYS A 197 1.50 -21.80 1.31
C LYS A 197 2.34 -22.08 2.55
N GLU A 198 1.85 -21.66 3.71
CA GLU A 198 2.57 -21.92 4.95
C GLU A 198 2.73 -23.42 5.20
N ALA A 199 1.63 -24.17 5.03
CA ALA A 199 1.69 -25.62 5.24
C ALA A 199 2.61 -26.30 4.22
N ALA A 200 2.59 -25.81 2.98
CA ALA A 200 3.46 -26.38 1.95
C ALA A 200 4.93 -26.17 2.31
N ASP A 201 5.28 -24.95 2.72
CA ASP A 201 6.66 -24.69 3.10
C ASP A 201 7.07 -25.54 4.29
N LEU A 202 6.16 -25.73 5.26
CA LEU A 202 6.48 -26.58 6.39
C LEU A 202 6.78 -28.01 5.96
N GLU A 203 5.95 -28.56 5.06
CA GLU A 203 6.23 -29.91 4.55
C GLU A 203 7.59 -29.96 3.88
N ASP A 204 7.95 -28.90 3.14
CA ASP A 204 9.24 -28.88 2.46
C ASP A 204 10.38 -28.93 3.47
N ASN A 205 10.28 -28.14 4.54
CA ASN A 205 11.32 -28.15 5.55
C ASN A 205 11.43 -29.52 6.21
N TRP A 206 10.29 -30.17 6.44
CA TRP A 206 10.34 -31.50 7.03
C TRP A 206 11.05 -32.48 6.10
N GLU A 207 10.77 -32.40 4.80
CA GLU A 207 11.46 -33.25 3.84
C GLU A 207 12.96 -33.04 3.91
N THR A 208 13.40 -31.77 3.97
CA THR A 208 14.83 -31.50 4.06
C THR A 208 15.44 -32.11 5.33
N LEU A 209 14.75 -31.94 6.47
CA LEU A 209 15.24 -32.49 7.72
C LEU A 209 15.38 -34.00 7.65
N ASN A 210 14.40 -34.68 7.06
CA ASN A 210 14.46 -36.13 6.99
C ASN A 210 15.58 -36.60 6.06
N ASP A 211 15.70 -35.97 4.89
CA ASP A 211 16.76 -36.35 3.96
C ASP A 211 18.11 -36.25 4.61
N ASN A 212 18.38 -35.11 5.24
CA ASN A 212 19.71 -34.92 5.79
C ASN A 212 19.93 -35.75 7.04
N LEU A 213 18.87 -36.08 7.79
CA LEU A 213 19.01 -37.03 8.89
C LEU A 213 19.52 -38.38 8.38
N LYS A 214 18.92 -38.87 7.28
CA LYS A 214 19.39 -40.14 6.73
C LYS A 214 20.83 -40.04 6.24
N VAL A 215 21.16 -38.93 5.57
CA VAL A 215 22.54 -38.73 5.10
C VAL A 215 23.51 -38.78 6.28
N ILE A 216 23.15 -38.15 7.39
CA ILE A 216 24.00 -38.20 8.57
C ILE A 216 24.12 -39.64 9.06
N GLU A 217 23.00 -40.37 9.05
CA GLU A 217 23.02 -41.76 9.50
C GLU A 217 24.05 -42.57 8.74
N LYS A 218 24.28 -42.23 7.47
CA LYS A 218 25.27 -43.02 6.73
C LYS A 218 26.41 -42.18 6.16
N ALA A 219 27.21 -41.57 7.03
CA ALA A 219 28.28 -40.67 6.60
C ALA A 219 29.65 -41.16 7.04
N ASP A 220 30.66 -40.85 6.24
CA ASP A 220 32.04 -41.26 6.47
C ASP A 220 32.83 -40.24 7.28
N ASN A 221 32.80 -38.98 6.87
CA ASN A 221 33.69 -37.94 7.37
C ASN A 221 32.89 -36.81 8.00
N ALA A 222 33.62 -35.85 8.58
CA ALA A 222 32.97 -34.72 9.24
C ALA A 222 32.40 -33.70 8.27
N ALA A 223 32.95 -33.61 7.05
CA ALA A 223 32.46 -32.62 6.10
C ALA A 223 31.04 -32.94 5.66
N GLN A 224 30.77 -34.21 5.37
CA GLN A 224 29.43 -34.64 5.01
C GLN A 224 28.44 -34.33 6.13
N VAL A 225 28.83 -34.68 7.37
CA VAL A 225 27.97 -34.43 8.51
C VAL A 225 27.69 -32.94 8.67
N LYS A 226 28.72 -32.11 8.50
CA LYS A 226 28.52 -30.68 8.65
C LYS A 226 27.60 -30.15 7.56
N ASP A 227 27.73 -30.66 6.33
CA ASP A 227 26.89 -30.18 5.24
C ASP A 227 25.43 -30.53 5.49
N ALA A 228 25.18 -31.78 5.87
CA ALA A 228 23.82 -32.20 6.18
C ALA A 228 23.25 -31.42 7.37
N LEU A 229 24.08 -31.15 8.38
CA LEU A 229 23.60 -30.38 9.51
C LEU A 229 23.33 -28.93 9.15
N THR A 230 24.11 -28.34 8.24
CA THR A 230 23.85 -26.98 7.79
C THR A 230 22.49 -26.90 7.10
N LYS A 231 22.23 -27.85 6.21
CA LYS A 231 20.92 -27.90 5.55
C LYS A 231 19.81 -28.06 6.59
N MET A 232 20.02 -28.95 7.57
CA MET A 232 19.02 -29.18 8.61
C MET A 232 18.78 -27.91 9.42
N ARG A 233 19.84 -27.17 9.73
CA ARG A 233 19.69 -25.96 10.53
C ARG A 233 18.84 -24.95 9.80
N ALA A 234 19.14 -24.72 8.52
CA ALA A 234 18.33 -23.79 7.74
C ALA A 234 16.87 -24.24 7.70
N ALA A 235 16.64 -25.54 7.48
CA ALA A 235 15.28 -26.04 7.40
C ALA A 235 14.53 -25.84 8.71
N ALA A 236 15.15 -26.22 9.84
CA ALA A 236 14.49 -26.09 11.12
C ALA A 236 14.23 -24.63 11.47
N LEU A 237 15.17 -23.74 11.13
CA LEU A 237 14.95 -22.31 11.37
C LEU A 237 13.76 -21.80 10.56
N ASP A 238 13.66 -22.22 9.30
CA ASP A 238 12.53 -21.78 8.48
C ASP A 238 11.23 -22.35 9.00
N ALA A 239 11.25 -23.61 9.46
CA ALA A 239 10.03 -24.25 9.88
C ALA A 239 9.55 -23.78 11.24
N GLY A 240 10.42 -23.16 12.03
CA GLY A 240 9.96 -22.56 13.28
C GLY A 240 9.06 -21.37 13.04
N SER A 241 9.20 -20.71 11.89
CA SER A 241 8.46 -19.50 11.54
C SER A 241 8.47 -18.46 12.66
N GLY A 242 9.60 -18.38 13.37
CA GLY A 242 9.83 -17.34 14.34
C GLY A 242 9.59 -17.71 15.77
N SER A 243 9.19 -18.97 16.04
CA SER A 243 8.76 -19.31 17.38
C SER A 243 9.88 -19.16 18.40
N GLY A 244 11.12 -19.38 17.99
CA GLY A 244 12.23 -19.36 18.92
C GLY A 244 12.29 -20.66 19.69
N ASP A 245 12.93 -21.66 19.11
CA ASP A 245 12.94 -23.00 19.68
C ASP A 245 14.34 -23.43 20.06
N ILE A 246 14.38 -24.45 20.92
CA ILE A 246 15.61 -25.15 21.23
C ILE A 246 16.14 -25.96 20.04
N LEU A 247 15.27 -26.33 19.09
CA LEU A 247 15.68 -27.18 17.98
C LEU A 247 16.88 -26.64 17.21
N VAL A 248 16.86 -25.36 16.86
CA VAL A 248 18.02 -24.81 16.15
C VAL A 248 19.25 -24.84 17.05
N GLY A 249 19.08 -24.63 18.36
CA GLY A 249 20.20 -24.70 19.27
C GLY A 249 20.80 -26.09 19.37
N GLN A 250 19.94 -27.11 19.40
CA GLN A 250 20.44 -28.48 19.42
C GLN A 250 21.14 -28.84 18.12
N ILE A 251 20.61 -28.36 17.00
CA ILE A 251 21.31 -28.53 15.72
C ILE A 251 22.67 -27.83 15.76
N ASP A 252 22.73 -26.66 16.41
CA ASP A 252 24.01 -25.96 16.55
C ASP A 252 24.99 -26.75 17.42
N ASP A 253 24.48 -27.42 18.45
CA ASP A 253 25.33 -28.30 19.24
C ASP A 253 25.92 -29.40 18.37
N ALA A 254 25.07 -30.07 17.59
CA ALA A 254 25.56 -31.11 16.70
C ALA A 254 26.54 -30.54 15.69
N LEU A 255 26.26 -29.34 15.18
CA LEU A 255 27.16 -28.71 14.22
C LEU A 255 28.51 -28.43 14.84
N LYS A 256 28.51 -27.98 16.11
CA LYS A 256 29.78 -27.77 16.80
C LYS A 256 30.55 -29.07 16.92
N LEU A 257 29.86 -30.18 17.26
CA LEU A 257 30.53 -31.47 17.28
C LEU A 257 31.14 -31.80 15.93
N ALA A 258 30.40 -31.54 14.84
CA ALA A 258 30.93 -31.84 13.51
C ALA A 258 32.13 -30.96 13.17
N ASN A 259 32.09 -29.69 13.58
CA ASN A 259 33.22 -28.78 13.34
C ASN A 259 34.48 -29.25 14.04
N GLU A 260 34.34 -29.97 15.14
CA GLU A 260 35.48 -30.49 15.88
C GLU A 260 35.98 -31.82 15.32
N GLY A 261 35.43 -32.28 14.20
CA GLY A 261 35.83 -33.54 13.63
C GLY A 261 35.34 -34.77 14.35
N LYS A 262 34.43 -34.61 15.30
CA LYS A 262 33.88 -35.74 16.06
C LYS A 262 32.66 -36.27 15.32
N VAL A 263 32.86 -37.34 14.54
CA VAL A 263 31.80 -37.79 13.65
C VAL A 263 30.78 -38.66 14.38
N LYS A 264 31.25 -39.64 15.16
CA LYS A 264 30.34 -40.52 15.87
C LYS A 264 29.44 -39.75 16.85
N GLU A 265 30.01 -38.78 17.56
CA GLU A 265 29.21 -38.01 18.52
C GLU A 265 28.19 -37.14 17.80
N ALA A 266 28.55 -36.57 16.65
CA ALA A 266 27.59 -35.80 15.87
C ALA A 266 26.46 -36.69 15.39
N GLN A 267 26.78 -37.91 14.98
CA GLN A 267 25.75 -38.83 14.53
C GLN A 267 24.82 -39.22 15.67
N ALA A 268 25.36 -39.43 16.88
CA ALA A 268 24.52 -39.70 18.03
C ALA A 268 23.61 -38.51 18.36
N ALA A 269 24.17 -37.30 18.28
CA ALA A 269 23.35 -36.10 18.47
C ALA A 269 22.22 -36.04 17.45
N ALA A 270 22.50 -36.42 16.20
CA ALA A 270 21.46 -36.40 15.17
C ALA A 270 20.38 -37.43 15.46
N GLU A 271 20.78 -38.62 15.91
CA GLU A 271 19.80 -39.61 16.31
C GLU A 271 18.87 -39.07 17.39
N GLN A 272 19.45 -38.37 18.38
CA GLN A 272 18.60 -37.71 19.37
C GLN A 272 17.71 -36.65 18.72
N LEU A 273 18.26 -35.91 17.78
CA LEU A 273 17.52 -34.83 17.12
C LEU A 273 16.31 -35.33 16.37
N LYS A 274 16.29 -36.60 15.94
CA LYS A 274 15.17 -37.07 15.13
C LYS A 274 13.83 -36.88 15.83
N THR A 275 13.70 -37.36 17.08
CA THR A 275 12.43 -37.29 17.78
C THR A 275 12.03 -35.84 18.07
N THR A 276 13.00 -35.03 18.50
CA THR A 276 12.75 -33.61 18.71
C THR A 276 12.23 -32.95 17.43
N ILE A 277 12.83 -33.29 16.29
CA ILE A 277 12.41 -32.74 15.01
C ILE A 277 10.97 -33.11 14.71
N ASN A 278 10.63 -34.40 14.90
CA ASN A 278 9.26 -34.82 14.65
C ASN A 278 8.27 -34.05 15.52
N ALA A 279 8.57 -33.94 16.82
CA ALA A 279 7.67 -33.25 17.74
C ALA A 279 7.49 -31.80 17.33
N TYR A 280 8.59 -31.09 17.05
CA TYR A 280 8.49 -29.68 16.73
C TYR A 280 7.78 -29.44 15.38
N ILE A 281 8.02 -30.31 14.40
CA ILE A 281 7.31 -30.17 13.13
C ILE A 281 5.82 -30.33 13.35
N GLN A 282 5.42 -31.32 14.15
CA GLN A 282 4.01 -31.51 14.46
C GLN A 282 3.44 -30.26 15.13
N LYS A 283 4.21 -29.66 16.05
CA LYS A 283 3.77 -28.46 16.75
C LYS A 283 3.57 -27.29 15.77
N TYR A 284 4.49 -27.13 14.83
CA TYR A 284 4.38 -26.06 13.83
C TYR A 284 3.14 -26.25 12.95
N GLY A 285 2.89 -27.48 12.51
CA GLY A 285 1.68 -27.74 11.75
C GLY A 285 0.42 -27.52 12.56
N GLN A 286 0.48 -27.82 13.87
CA GLN A 286 -0.65 -27.53 14.73
C GLN A 286 -0.90 -26.04 14.84
N SER A 287 0.16 -25.24 14.91
CA SER A 287 0.00 -23.79 14.94
C SER A 287 -0.68 -23.29 13.66
N ILE A 288 -0.24 -23.81 12.51
CA ILE A 288 -0.87 -23.41 11.26
C ILE A 288 -2.35 -23.79 11.25
N SER A 289 -2.67 -24.97 11.77
CA SER A 289 -4.06 -25.40 11.82
C SER A 289 -4.89 -24.51 12.76
N ASN A 290 -4.29 -24.08 13.87
CA ASN A 290 -4.98 -23.17 14.77
C ASN A 290 -5.29 -21.85 14.06
N GLU A 291 -4.32 -21.36 13.28
CA GLU A 291 -4.57 -20.16 12.49
C GLU A 291 -5.73 -20.38 11.53
N GLN A 292 -5.77 -21.55 10.89
CA GLN A 292 -6.88 -21.87 9.99
C GLN A 292 -8.22 -21.88 10.72
N LYS A 293 -8.25 -22.46 11.92
CA LYS A 293 -9.51 -22.53 12.65
C LYS A 293 -9.98 -21.14 13.06
N ALA A 294 -9.06 -20.28 13.50
CA ALA A 294 -9.42 -18.92 13.80
C ALA A 294 -9.96 -18.20 12.57
N CYS A 295 -9.35 -18.46 11.41
CA CYS A 295 -9.83 -17.89 10.15
C CYS A 295 -11.25 -18.32 9.86
N LYS A 296 -11.55 -19.60 10.05
CA LYS A 296 -12.92 -20.09 9.80
C LYS A 296 -13.93 -19.49 10.79
N VAL A 297 -13.55 -19.38 12.07
CA VAL A 297 -14.49 -18.81 13.05
C VAL A 297 -14.78 -17.35 12.72
N LEU A 298 -13.74 -16.58 12.42
CA LEU A 298 -13.98 -15.18 12.06
C LEU A 298 -14.77 -15.07 10.75
N GLY A 299 -14.58 -16.03 9.83
CA GLY A 299 -15.40 -16.03 8.64
C GLY A 299 -16.86 -16.31 8.95
N ILE A 300 -17.12 -17.23 9.88
CA ILE A 300 -18.49 -17.48 10.32
C ILE A 300 -19.11 -16.20 10.87
N VAL A 301 -18.35 -15.49 11.70
CA VAL A 301 -18.85 -14.26 12.31
C VAL A 301 -19.19 -13.22 11.24
N PHE A 302 -18.24 -12.99 10.33
CA PHE A 302 -18.45 -12.01 9.27
C PHE A 302 -19.63 -12.39 8.38
N PHE A 303 -19.73 -13.68 8.04
CA PHE A 303 -20.84 -14.14 7.20
C PHE A 303 -22.17 -13.94 7.89
N LEU A 304 -22.25 -14.24 9.19
CA LEU A 304 -23.50 -14.06 9.91
C LEU A 304 -23.90 -12.59 9.93
N PHE A 305 -22.94 -11.70 10.22
CA PHE A 305 -23.24 -10.27 10.25
C PHE A 305 -23.75 -9.79 8.90
N VAL A 306 -23.07 -10.18 7.83
CA VAL A 306 -23.43 -9.72 6.50
C VAL A 306 -24.81 -10.25 6.10
N VAL A 307 -25.04 -11.54 6.33
CA VAL A 307 -26.31 -12.15 5.92
C VAL A 307 -27.46 -11.53 6.69
N MET A 308 -27.32 -11.40 8.01
CA MET A 308 -28.41 -10.88 8.80
C MET A 308 -28.65 -9.39 8.58
N TRP A 309 -27.66 -8.64 8.07
CA TRP A 309 -27.94 -7.26 7.71
C TRP A 309 -28.38 -7.09 6.26
N CYS A 310 -28.18 -8.10 5.41
CA CYS A 310 -28.46 -7.93 3.99
C CYS A 310 -29.91 -7.64 3.63
N PRO A 311 -30.92 -8.28 4.25
CA PRO A 311 -32.30 -7.90 3.89
C PRO A 311 -32.57 -6.42 4.10
N PHE A 312 -32.08 -5.84 5.19
CA PHE A 312 -32.31 -4.42 5.46
C PHE A 312 -31.71 -3.54 4.37
N PHE A 313 -30.45 -3.79 4.00
CA PHE A 313 -29.81 -2.96 2.99
C PHE A 313 -30.41 -3.18 1.61
N ILE A 314 -30.80 -4.42 1.30
CA ILE A 314 -31.45 -4.70 0.02
C ILE A 314 -32.75 -3.93 -0.08
N THR A 315 -33.59 -4.01 0.96
CA THR A 315 -34.86 -3.30 0.95
C THR A 315 -34.66 -1.79 0.92
N ASN A 316 -33.61 -1.29 1.58
CA ASN A 316 -33.36 0.15 1.59
C ASN A 316 -32.92 0.64 0.22
N ILE A 317 -31.97 -0.06 -0.42
CA ILE A 317 -31.55 0.29 -1.78
C ILE A 317 -32.74 0.19 -2.74
N MET A 318 -33.56 -0.83 -2.57
CA MET A 318 -34.75 -0.98 -3.42
C MET A 318 -35.69 0.19 -3.25
N ALA A 319 -35.97 0.58 -2.00
CA ALA A 319 -36.88 1.70 -1.74
C ALA A 319 -36.31 3.00 -2.30
N VAL A 320 -34.99 3.15 -2.29
CA VAL A 320 -34.40 4.35 -2.87
C VAL A 320 -34.50 4.32 -4.40
N ILE A 321 -34.41 3.14 -5.00
CA ILE A 321 -34.54 3.02 -6.45
C ILE A 321 -35.97 3.33 -6.89
N CYS A 322 -36.93 2.54 -6.43
CA CYS A 322 -38.35 2.76 -6.73
C CYS A 322 -38.95 3.61 -5.61
N LYS A 323 -38.75 4.92 -5.70
CA LYS A 323 -39.24 5.81 -4.66
C LYS A 323 -40.77 5.86 -4.64
N GLU A 324 -41.39 5.85 -5.82
CA GLU A 324 -42.85 5.82 -5.93
C GLU A 324 -43.37 4.60 -6.67
N SER A 325 -42.50 3.79 -7.27
CA SER A 325 -42.96 2.63 -8.05
C SER A 325 -43.36 1.47 -7.15
N CYS A 326 -42.61 1.23 -6.07
CA CYS A 326 -42.93 0.14 -5.16
C CYS A 326 -43.84 0.60 -4.04
N ASN A 327 -44.41 -0.37 -3.33
CA ASN A 327 -45.30 -0.09 -2.21
C ASN A 327 -44.48 0.36 -1.02
N GLU A 328 -44.77 1.55 -0.48
CA GLU A 328 -43.98 2.10 0.60
C GLU A 328 -44.40 1.58 1.96
N ASP A 329 -45.66 1.16 2.11
CA ASP A 329 -46.12 0.63 3.39
C ASP A 329 -45.50 -0.73 3.66
N VAL A 330 -45.58 -1.63 2.68
CA VAL A 330 -44.94 -2.94 2.81
C VAL A 330 -43.44 -2.78 3.00
N ILE A 331 -42.83 -1.83 2.29
CA ILE A 331 -41.40 -1.59 2.45
C ILE A 331 -41.10 -1.06 3.85
N GLY A 332 -41.98 -0.21 4.38
CA GLY A 332 -41.79 0.28 5.74
C GLY A 332 -41.83 -0.85 6.76
N ALA A 333 -42.81 -1.75 6.63
CA ALA A 333 -42.86 -2.90 7.53
C ALA A 333 -41.63 -3.79 7.35
N LEU A 334 -41.19 -4.00 6.11
CA LEU A 334 -40.01 -4.80 5.86
C LEU A 334 -38.78 -4.23 6.55
N LEU A 335 -38.61 -2.90 6.47
CA LEU A 335 -37.50 -2.27 7.17
C LEU A 335 -37.64 -2.40 8.69
N ASN A 336 -38.86 -2.20 9.20
CA ASN A 336 -39.11 -2.31 10.64
C ASN A 336 -38.81 -3.71 11.16
N VAL A 337 -38.88 -4.73 10.31
CA VAL A 337 -38.49 -6.08 10.73
C VAL A 337 -37.00 -6.33 10.53
N PHE A 338 -36.45 -5.84 9.41
CA PHE A 338 -35.06 -6.18 9.06
C PHE A 338 -34.06 -5.46 9.95
N VAL A 339 -34.42 -4.29 10.47
CA VAL A 339 -33.54 -3.62 11.43
C VAL A 339 -33.37 -4.48 12.67
N TRP A 340 -34.44 -5.12 13.12
CA TRP A 340 -34.33 -6.00 14.28
C TRP A 340 -33.65 -7.32 13.93
N ILE A 341 -33.77 -7.77 12.68
CA ILE A 341 -32.92 -8.89 12.26
C ILE A 341 -31.44 -8.52 12.41
N GLY A 342 -31.07 -7.31 12.00
CA GLY A 342 -29.70 -6.86 12.16
C GLY A 342 -29.29 -6.72 13.62
N TYR A 343 -30.22 -6.31 14.47
CA TYR A 343 -29.92 -6.27 15.91
C TYR A 343 -29.73 -7.68 16.47
N LEU A 344 -30.50 -8.65 15.98
CA LEU A 344 -30.26 -10.04 16.36
C LEU A 344 -28.86 -10.48 15.93
N SER A 345 -28.41 -10.03 14.76
CA SER A 345 -27.01 -10.25 14.39
C SER A 345 -26.08 -9.64 15.41
N SER A 346 -26.38 -8.42 15.86
CA SER A 346 -25.59 -7.79 16.90
C SER A 346 -25.53 -8.64 18.16
N ALA A 347 -26.57 -9.42 18.43
CA ALA A 347 -26.60 -10.27 19.61
C ALA A 347 -25.94 -11.64 19.40
N VAL A 348 -25.88 -12.13 18.16
CA VAL A 348 -25.54 -13.54 17.95
C VAL A 348 -24.07 -13.85 18.25
N ASN A 349 -23.17 -12.87 18.11
CA ASN A 349 -21.74 -13.17 18.09
C ASN A 349 -21.23 -13.89 19.34
N PRO A 350 -21.58 -13.49 20.57
CA PRO A 350 -21.10 -14.25 21.73
C PRO A 350 -21.50 -15.71 21.71
N LEU A 351 -22.66 -16.03 21.16
CA LEU A 351 -23.06 -17.43 21.03
C LEU A 351 -22.09 -18.19 20.15
N VAL A 352 -21.64 -17.57 19.06
CA VAL A 352 -20.64 -18.21 18.20
C VAL A 352 -19.33 -18.38 18.95
N TYR A 353 -18.90 -17.35 19.70
CA TYR A 353 -17.67 -17.48 20.48
C TYR A 353 -17.77 -18.66 21.44
N THR A 354 -18.94 -18.86 22.04
CA THR A 354 -19.13 -20.01 22.93
C THR A 354 -19.07 -21.31 22.15
N LEU A 355 -19.74 -21.36 20.99
CA LEU A 355 -19.85 -22.61 20.24
C LEU A 355 -18.52 -23.08 19.70
N PHE A 356 -17.64 -22.17 19.28
CA PHE A 356 -16.44 -22.56 18.56
C PHE A 356 -15.13 -22.25 19.27
N ASN A 357 -15.16 -21.66 20.46
CA ASN A 357 -13.95 -21.35 21.22
C ASN A 357 -14.09 -21.93 22.61
N LYS A 358 -13.18 -22.84 22.98
CA LYS A 358 -13.29 -23.52 24.26
C LYS A 358 -12.90 -22.62 25.42
N THR A 359 -11.96 -21.70 25.22
CA THR A 359 -11.59 -20.76 26.27
C THR A 359 -12.77 -19.87 26.62
N TYR A 360 -13.40 -19.28 25.59
CA TYR A 360 -14.59 -18.48 25.81
C TYR A 360 -15.69 -19.29 26.48
N ARG A 361 -15.86 -20.55 26.07
CA ARG A 361 -16.94 -21.38 26.60
C ARG A 361 -16.73 -21.68 28.08
N SER A 362 -15.51 -22.07 28.45
CA SER A 362 -15.23 -22.30 29.86
C SER A 362 -15.38 -21.03 30.68
N ALA A 363 -14.89 -19.89 30.14
CA ALA A 363 -15.03 -18.63 30.85
C ALA A 363 -16.49 -18.28 31.09
N PHE A 364 -17.33 -18.46 30.07
CA PHE A 364 -18.74 -18.14 30.22
C PHE A 364 -19.44 -19.10 31.17
N SER A 365 -19.11 -20.39 31.10
CA SER A 365 -19.70 -21.36 32.03
C SER A 365 -19.34 -21.02 33.47
N ARG A 366 -18.14 -20.51 33.70
CA ARG A 366 -17.75 -20.13 35.06
C ARG A 366 -18.33 -18.78 35.46
N TYR A 367 -18.55 -17.87 34.51
CA TYR A 367 -19.11 -16.56 34.84
C TYR A 367 -20.59 -16.66 35.17
N ILE A 368 -21.33 -17.54 34.47
CA ILE A 368 -22.75 -17.69 34.72
C ILE A 368 -23.00 -18.09 36.16
N GLN A 369 -22.14 -18.96 36.71
CA GLN A 369 -22.25 -19.42 38.09
C GLN A 369 -21.55 -18.49 39.07
N CYS A 370 -21.07 -17.33 38.61
CA CYS A 370 -20.43 -16.33 39.48
C CYS A 370 -19.18 -16.89 40.15
N GLN A 371 -18.36 -17.60 39.40
CA GLN A 371 -17.10 -18.15 39.89
C GLN A 371 -15.95 -17.35 39.26
N TYR A 372 -15.42 -16.40 40.02
CA TYR A 372 -14.36 -15.52 39.52
C TYR A 372 -13.03 -15.82 40.20
N GLN B 6 -26.38 9.97 -23.64
CA GLN B 6 -26.16 8.54 -23.80
C GLN B 6 -24.87 8.29 -24.58
N GLU B 7 -24.68 9.04 -25.67
CA GLU B 7 -23.48 8.92 -26.48
C GLU B 7 -22.23 9.29 -25.67
N LYS B 8 -22.33 10.34 -24.86
CA LYS B 8 -21.24 10.78 -24.00
C LYS B 8 -20.88 9.74 -22.94
N ASN B 9 -21.81 8.84 -22.62
CA ASN B 9 -21.56 7.83 -21.60
C ASN B 9 -20.43 6.90 -21.97
N TRP B 10 -20.25 6.59 -23.26
CA TRP B 10 -19.17 5.71 -23.67
C TRP B 10 -17.81 6.39 -23.49
N SER B 11 -17.74 7.69 -23.76
CA SER B 11 -16.54 8.45 -23.44
C SER B 11 -16.30 8.47 -21.94
N ALA B 12 -17.38 8.60 -21.16
CA ALA B 12 -17.24 8.52 -19.70
C ALA B 12 -16.69 7.16 -19.29
N LEU B 13 -17.09 6.10 -19.98
CA LEU B 13 -16.57 4.77 -19.70
C LEU B 13 -15.07 4.69 -19.97
N LEU B 14 -14.64 5.23 -21.12
CA LEU B 14 -13.21 5.24 -21.41
C LEU B 14 -12.44 6.03 -20.36
N THR B 15 -12.98 7.18 -19.93
CA THR B 15 -12.32 7.96 -18.91
C THR B 15 -12.26 7.23 -17.58
N ALA B 16 -13.30 6.47 -17.25
CA ALA B 16 -13.27 5.68 -16.02
C ALA B 16 -12.20 4.60 -16.09
N VAL B 17 -12.04 3.97 -17.26
CA VAL B 17 -10.96 3.02 -17.43
C VAL B 17 -9.61 3.69 -17.21
N VAL B 18 -9.45 4.90 -17.76
CA VAL B 18 -8.20 5.65 -17.56
C VAL B 18 -7.98 5.93 -16.07
N ILE B 19 -9.04 6.32 -15.37
CA ILE B 19 -8.94 6.63 -13.94
C ILE B 19 -8.47 5.40 -13.16
N ILE B 20 -9.09 4.25 -13.45
CA ILE B 20 -8.75 3.04 -12.71
C ILE B 20 -7.32 2.62 -13.01
N LEU B 21 -6.89 2.75 -14.27
CA LEU B 21 -5.50 2.44 -14.60
C LEU B 21 -4.54 3.33 -13.84
N THR B 22 -4.84 4.64 -13.81
CA THR B 22 -4.00 5.58 -13.06
C THR B 22 -3.88 5.17 -11.60
N ILE B 23 -5.01 4.98 -10.93
CA ILE B 23 -4.99 4.68 -9.51
C ILE B 23 -4.23 3.38 -9.25
N ALA B 24 -4.54 2.33 -10.03
CA ALA B 24 -3.93 1.02 -9.79
C ALA B 24 -2.42 1.07 -10.01
N GLY B 25 -1.98 1.63 -11.15
CA GLY B 25 -0.56 1.68 -11.42
C GLY B 25 0.22 2.48 -10.39
N ASN B 26 -0.31 3.64 -9.99
CA ASN B 26 0.44 4.45 -9.03
C ASN B 26 0.41 3.85 -7.64
N ILE B 27 -0.67 3.15 -7.28
CA ILE B 27 -0.67 2.40 -6.03
C ILE B 27 0.43 1.34 -6.05
N LEU B 28 0.57 0.65 -7.18
CA LEU B 28 1.61 -0.36 -7.30
C LEU B 28 2.99 0.27 -7.14
N VAL B 29 3.21 1.43 -7.76
CA VAL B 29 4.51 2.10 -7.66
C VAL B 29 4.79 2.48 -6.21
N ILE B 30 3.78 3.02 -5.51
CA ILE B 30 3.95 3.39 -4.12
C ILE B 30 4.33 2.18 -3.28
N MET B 31 3.62 1.06 -3.49
CA MET B 31 3.94 -0.15 -2.73
C MET B 31 5.35 -0.64 -3.02
N ALA B 32 5.75 -0.63 -4.30
CA ALA B 32 7.06 -1.14 -4.66
C ALA B 32 8.18 -0.29 -4.07
N VAL B 33 8.01 1.03 -4.08
CA VAL B 33 9.07 1.88 -3.53
C VAL B 33 9.08 1.80 -2.01
N SER B 34 7.92 1.69 -1.37
CA SER B 34 7.89 1.67 0.09
C SER B 34 8.27 0.32 0.67
N LEU B 35 8.19 -0.76 -0.10
CA LEU B 35 8.48 -2.10 0.41
C LEU B 35 9.82 -2.64 -0.07
N GLU B 36 10.09 -2.59 -1.37
CA GLU B 36 11.30 -3.18 -1.92
C GLU B 36 12.53 -2.40 -1.48
N LYS B 37 13.48 -3.08 -0.82
CA LYS B 37 14.67 -2.41 -0.32
C LYS B 37 15.68 -2.09 -1.41
N LYS B 38 15.57 -2.71 -2.59
CA LYS B 38 16.44 -2.36 -3.70
C LYS B 38 16.17 -0.95 -4.22
N LEU B 39 14.93 -0.47 -4.10
CA LEU B 39 14.51 0.83 -4.63
C LEU B 39 14.47 1.89 -3.54
N GLN B 40 15.50 1.99 -2.71
CA GLN B 40 15.51 2.94 -1.61
C GLN B 40 16.42 4.14 -1.87
N ASN B 41 16.70 4.44 -3.13
CA ASN B 41 17.52 5.60 -3.46
C ASN B 41 16.64 6.85 -3.54
N ALA B 42 17.29 8.01 -3.73
CA ALA B 42 16.57 9.27 -3.73
C ALA B 42 15.67 9.41 -4.96
N THR B 43 16.15 8.95 -6.12
CA THR B 43 15.36 9.03 -7.34
C THR B 43 14.06 8.25 -7.20
N ASN B 44 14.12 7.06 -6.57
CA ASN B 44 12.90 6.29 -6.37
C ASN B 44 11.97 6.96 -5.37
N TYR B 45 12.52 7.69 -4.40
CA TYR B 45 11.67 8.48 -3.50
C TYR B 45 10.95 9.59 -4.26
N PHE B 46 11.66 10.28 -5.15
CA PHE B 46 11.00 11.31 -5.96
C PHE B 46 9.96 10.70 -6.88
N LEU B 47 10.25 9.50 -7.42
CA LEU B 47 9.25 8.83 -8.25
C LEU B 47 8.04 8.41 -7.44
N MET B 48 8.22 8.04 -6.18
CA MET B 48 7.07 7.73 -5.33
C MET B 48 6.26 8.99 -5.03
N SER B 49 6.94 10.12 -4.86
CA SER B 49 6.23 11.39 -4.74
C SER B 49 5.41 11.68 -5.99
N LEU B 50 6.02 11.45 -7.16
CA LEU B 50 5.30 11.60 -8.43
C LEU B 50 4.10 10.67 -8.49
N ALA B 51 4.25 9.44 -7.99
CA ALA B 51 3.15 8.49 -7.98
C ALA B 51 2.02 8.93 -7.06
N ILE B 52 2.37 9.50 -5.90
CA ILE B 52 1.35 10.03 -5.01
C ILE B 52 0.61 11.17 -5.68
N ALA B 53 1.35 12.03 -6.38
CA ALA B 53 0.70 13.11 -7.12
C ALA B 53 -0.24 12.58 -8.18
N ASP B 54 0.19 11.54 -8.91
CA ASP B 54 -0.66 10.95 -9.94
C ASP B 54 -1.90 10.30 -9.35
N MET B 55 -1.75 9.63 -8.19
CA MET B 55 -2.90 9.01 -7.56
C MET B 55 -3.90 10.06 -7.07
N LEU B 56 -3.39 11.15 -6.49
CA LEU B 56 -4.28 12.24 -6.09
C LEU B 56 -4.96 12.87 -7.30
N LEU B 57 -4.26 12.94 -8.43
CA LEU B 57 -4.86 13.44 -9.65
C LEU B 57 -5.97 12.52 -10.13
N GLY B 58 -5.76 11.21 -10.03
CA GLY B 58 -6.79 10.27 -10.44
C GLY B 58 -7.95 10.17 -9.48
N PHE B 59 -7.76 10.58 -8.23
CA PHE B 59 -8.83 10.55 -7.24
C PHE B 59 -9.65 11.84 -7.19
N LEU B 60 -8.99 12.99 -7.34
CA LEU B 60 -9.65 14.26 -7.06
C LEU B 60 -9.99 15.08 -8.29
N VAL B 61 -9.31 14.88 -9.41
CA VAL B 61 -9.48 15.72 -10.59
C VAL B 61 -10.15 14.97 -11.74
N MET B 62 -9.62 13.80 -12.08
CA MET B 62 -10.13 13.08 -13.25
C MET B 62 -11.58 12.66 -13.12
N PRO B 63 -12.06 12.12 -11.99
CA PRO B 63 -13.50 11.81 -11.91
C PRO B 63 -14.39 13.04 -11.97
N VAL B 64 -13.95 14.16 -11.42
CA VAL B 64 -14.71 15.40 -11.55
C VAL B 64 -14.78 15.83 -13.02
N SER B 65 -13.70 15.58 -13.77
CA SER B 65 -13.71 15.87 -15.20
C SER B 65 -14.70 14.97 -15.93
N MET B 66 -14.75 13.69 -15.57
CA MET B 66 -15.74 12.79 -16.16
C MET B 66 -17.16 13.24 -15.83
N LEU B 67 -17.38 13.66 -14.59
CA LEU B 67 -18.70 14.16 -14.20
C LEU B 67 -19.08 15.40 -15.00
N THR B 68 -18.11 16.31 -15.20
CA THR B 68 -18.35 17.46 -16.06
C THR B 68 -18.71 17.02 -17.47
N ILE B 69 -18.05 15.96 -17.97
CA ILE B 69 -18.40 15.41 -19.28
C ILE B 69 -19.86 14.96 -19.30
N LEU B 70 -20.30 14.29 -18.23
CA LEU B 70 -21.67 13.78 -18.20
C LEU B 70 -22.70 14.91 -18.26
N TYR B 71 -22.38 16.07 -17.69
CA TYR B 71 -23.30 17.20 -17.68
C TYR B 71 -23.08 18.16 -18.84
N GLY B 72 -22.58 17.66 -19.98
CA GLY B 72 -22.39 18.50 -21.14
C GLY B 72 -21.41 19.64 -20.93
N TYR B 73 -20.41 19.44 -20.08
CA TYR B 73 -19.38 20.44 -19.77
C TYR B 73 -19.96 21.68 -19.11
N ARG B 74 -21.11 21.57 -18.47
CA ARG B 74 -21.65 22.63 -17.63
C ARG B 74 -21.44 22.25 -16.17
N TRP B 75 -20.88 23.19 -15.40
CA TRP B 75 -20.47 22.92 -14.04
C TRP B 75 -21.66 22.66 -13.13
N PRO B 76 -21.87 21.43 -12.66
CA PRO B 76 -23.01 21.15 -11.80
C PRO B 76 -22.74 21.48 -10.34
N LEU B 77 -21.48 21.33 -9.92
CA LEU B 77 -21.07 21.49 -8.54
C LEU B 77 -21.18 22.96 -8.12
N PRO B 78 -21.04 23.25 -6.83
CA PRO B 78 -21.04 24.65 -6.38
C PRO B 78 -19.94 25.46 -7.06
N SER B 79 -20.17 26.76 -7.18
CA SER B 79 -19.22 27.63 -7.85
C SER B 79 -17.89 27.71 -7.09
N LYS B 80 -17.94 27.55 -5.77
CA LYS B 80 -16.71 27.59 -4.98
C LYS B 80 -15.81 26.40 -5.25
N LEU B 81 -16.36 25.31 -5.79
CA LEU B 81 -15.56 24.12 -6.06
C LEU B 81 -14.86 24.12 -7.40
N CYS B 82 -15.26 25.00 -8.34
CA CYS B 82 -14.56 25.08 -9.62
C CYS B 82 -13.14 25.62 -9.43
N ALA B 83 -13.00 26.70 -8.65
CA ALA B 83 -11.67 27.23 -8.38
C ALA B 83 -10.80 26.21 -7.66
N VAL B 84 -11.39 25.48 -6.70
CA VAL B 84 -10.64 24.45 -5.97
C VAL B 84 -10.24 23.32 -6.91
N TRP B 85 -11.12 22.96 -7.86
CA TRP B 85 -10.79 21.91 -8.81
C TRP B 85 -9.63 22.32 -9.71
N ILE B 86 -9.69 23.53 -10.27
CA ILE B 86 -8.59 24.02 -11.08
C ILE B 86 -7.31 24.10 -10.26
N TYR B 87 -7.43 24.54 -8.99
CA TYR B 87 -6.26 24.65 -8.12
C TYR B 87 -5.63 23.29 -7.87
N LEU B 88 -6.45 22.28 -7.54
CA LEU B 88 -5.90 20.95 -7.27
C LEU B 88 -5.26 20.35 -8.51
N ASP B 89 -5.89 20.52 -9.67
CA ASP B 89 -5.30 20.03 -10.92
C ASP B 89 -3.94 20.68 -11.17
N VAL B 90 -3.90 22.02 -11.12
CA VAL B 90 -2.66 22.74 -11.36
C VAL B 90 -1.61 22.36 -10.33
N LEU B 91 -2.02 22.19 -9.06
CA LEU B 91 -1.08 21.86 -8.00
C LEU B 91 -0.44 20.50 -8.23
N PHE B 92 -1.25 19.49 -8.54
CA PHE B 92 -0.69 18.15 -8.75
C PHE B 92 0.21 18.12 -9.97
N SER B 93 -0.22 18.76 -11.07
CA SER B 93 0.60 18.75 -12.28
C SER B 93 1.89 19.53 -12.08
N THR B 94 1.84 20.66 -11.37
CA THR B 94 3.04 21.44 -11.09
C THR B 94 3.99 20.68 -10.19
N ALA B 95 3.46 20.00 -9.17
CA ALA B 95 4.29 19.15 -8.35
C ALA B 95 4.98 18.07 -9.19
N LYS B 96 4.24 17.47 -10.12
CA LYS B 96 4.83 16.47 -11.01
C LYS B 96 5.99 17.04 -11.80
N ILE B 97 5.76 18.16 -12.50
CA ILE B 97 6.77 18.70 -13.40
C ILE B 97 8.00 19.17 -12.62
N TRP B 98 7.79 19.76 -11.44
CA TRP B 98 8.94 20.20 -10.65
C TRP B 98 9.64 19.02 -9.98
N HIS B 99 8.94 17.93 -9.71
CA HIS B 99 9.61 16.71 -9.26
C HIS B 99 10.52 16.16 -10.35
N LEU B 100 10.04 16.14 -11.59
CA LEU B 100 10.88 15.69 -12.69
C LEU B 100 12.10 16.59 -12.85
N CYS B 101 11.89 17.90 -12.79
CA CYS B 101 13.01 18.83 -12.89
C CYS B 101 14.01 18.63 -11.76
N ALA B 102 13.51 18.40 -10.54
CA ALA B 102 14.39 18.18 -9.40
C ALA B 102 15.18 16.89 -9.55
N ILE B 103 14.55 15.83 -10.06
CA ILE B 103 15.26 14.59 -10.33
C ILE B 103 16.41 14.84 -11.29
N SER B 104 16.11 15.51 -12.40
CA SER B 104 17.14 15.80 -13.40
C SER B 104 18.30 16.58 -12.79
N LEU B 105 17.98 17.70 -12.13
CA LEU B 105 19.03 18.55 -11.55
C LEU B 105 19.84 17.80 -10.50
N ASP B 106 19.17 17.01 -9.66
CA ASP B 106 19.87 16.29 -8.61
C ASP B 106 20.83 15.26 -9.19
N ARG B 107 20.36 14.48 -10.18
CA ARG B 107 21.24 13.47 -10.77
C ARG B 107 22.44 14.12 -11.45
N TYR B 108 22.22 15.24 -12.14
CA TYR B 108 23.34 15.92 -12.79
C TYR B 108 24.36 16.42 -11.78
N VAL B 109 23.90 17.20 -10.79
CA VAL B 109 24.79 17.73 -9.77
C VAL B 109 25.50 16.59 -9.02
N ALA B 110 24.83 15.45 -8.87
CA ALA B 110 25.44 14.32 -8.19
C ALA B 110 26.57 13.72 -9.01
N ILE B 111 26.32 13.42 -10.29
CA ILE B 111 27.37 12.78 -11.08
C ILE B 111 28.50 13.74 -11.44
N GLN B 112 28.26 15.05 -11.44
CA GLN B 112 29.36 15.98 -11.67
C GLN B 112 30.23 16.13 -10.43
N ASN B 113 29.61 16.24 -9.25
CA ASN B 113 30.31 16.41 -7.98
C ASN B 113 29.99 15.20 -7.12
N PRO B 114 30.72 14.09 -7.30
CA PRO B 114 30.41 12.82 -6.63
C PRO B 114 30.47 12.93 -5.11
N SER B 122 21.04 10.94 3.44
CA SER B 122 20.63 11.05 2.04
C SER B 122 19.13 10.85 1.89
N ARG B 123 18.55 10.02 2.76
CA ARG B 123 17.10 9.81 2.71
C ARG B 123 16.35 11.00 3.30
N THR B 124 16.82 11.52 4.44
CA THR B 124 16.14 12.65 5.06
C THR B 124 16.25 13.89 4.19
N LYS B 125 17.43 14.12 3.59
CA LYS B 125 17.57 15.27 2.70
C LYS B 125 16.67 15.14 1.49
N ALA B 126 16.49 13.92 0.98
CA ALA B 126 15.57 13.70 -0.13
C ALA B 126 14.13 14.00 0.27
N PHE B 127 13.72 13.54 1.46
CA PHE B 127 12.38 13.86 1.94
C PHE B 127 12.19 15.37 2.09
N LEU B 128 13.23 16.06 2.58
CA LEU B 128 13.15 17.51 2.70
C LEU B 128 13.01 18.17 1.33
N LYS B 129 13.78 17.71 0.34
CA LYS B 129 13.66 18.26 -1.01
C LYS B 129 12.26 18.04 -1.56
N ILE B 130 11.67 16.88 -1.31
CA ILE B 130 10.32 16.61 -1.79
C ILE B 130 9.31 17.54 -1.11
N ILE B 131 9.44 17.73 0.20
CA ILE B 131 8.56 18.64 0.91
C ILE B 131 8.72 20.06 0.38
N ALA B 132 9.95 20.44 0.05
CA ALA B 132 10.20 21.77 -0.52
C ALA B 132 9.54 21.91 -1.89
N VAL B 133 9.57 20.84 -2.69
CA VAL B 133 8.91 20.90 -4.00
C VAL B 133 7.40 21.03 -3.82
N TRP B 134 6.82 20.29 -2.88
CA TRP B 134 5.39 20.46 -2.59
C TRP B 134 5.09 21.87 -2.13
N THR B 135 5.94 22.45 -1.29
CA THR B 135 5.72 23.80 -0.78
C THR B 135 5.77 24.84 -1.91
N ILE B 136 6.77 24.73 -2.79
CA ILE B 136 6.86 25.69 -3.88
C ILE B 136 5.71 25.48 -4.87
N SER B 137 5.23 24.25 -5.04
CA SER B 137 4.07 24.03 -5.88
C SER B 137 2.83 24.69 -5.29
N VAL B 138 2.63 24.57 -3.99
CA VAL B 138 1.51 25.23 -3.33
C VAL B 138 1.64 26.74 -3.48
N GLY B 139 2.85 27.27 -3.33
CA GLY B 139 3.05 28.70 -3.50
C GLY B 139 2.79 29.19 -4.92
N ILE B 140 3.12 28.36 -5.90
CA ILE B 140 2.83 28.71 -7.30
C ILE B 140 1.32 28.65 -7.55
N SER B 141 0.64 27.70 -6.91
CA SER B 141 -0.77 27.46 -7.23
C SER B 141 -1.72 28.39 -6.47
N MET B 142 -1.33 28.88 -5.30
CA MET B 142 -2.23 29.69 -4.47
C MET B 142 -2.88 30.89 -5.18
N PRO B 143 -2.21 31.62 -6.09
CA PRO B 143 -2.92 32.69 -6.80
C PRO B 143 -4.15 32.22 -7.54
N ILE B 144 -4.20 30.97 -8.01
CA ILE B 144 -5.37 30.49 -8.73
C ILE B 144 -6.61 30.45 -7.85
N PRO B 145 -6.61 29.79 -6.68
CA PRO B 145 -7.79 29.93 -5.80
C PRO B 145 -8.00 31.35 -5.33
N VAL B 146 -6.94 32.11 -5.05
CA VAL B 146 -7.13 33.49 -4.58
C VAL B 146 -7.97 34.28 -5.59
N PHE B 147 -7.54 34.31 -6.84
CA PHE B 147 -8.20 35.11 -7.87
C PHE B 147 -9.39 34.39 -8.51
N GLY B 148 -9.65 33.13 -8.15
CA GLY B 148 -10.85 32.48 -8.61
C GLY B 148 -11.98 32.71 -7.63
N LEU B 149 -11.64 32.74 -6.33
CA LEU B 149 -12.63 33.10 -5.33
C LEU B 149 -12.92 34.60 -5.36
N GLN B 150 -11.93 35.43 -5.69
CA GLN B 150 -12.18 36.86 -5.82
C GLN B 150 -12.99 37.17 -7.07
N ASP B 151 -12.56 36.65 -8.22
CA ASP B 151 -13.22 36.91 -9.49
C ASP B 151 -13.72 35.58 -10.05
N ASP B 152 -15.02 35.53 -10.34
CA ASP B 152 -15.62 34.32 -10.89
C ASP B 152 -15.42 34.18 -12.40
N SER B 153 -15.00 35.25 -13.09
CA SER B 153 -14.83 35.20 -14.54
C SER B 153 -13.53 34.52 -14.95
N LYS B 154 -12.56 34.44 -14.05
CA LYS B 154 -11.27 33.83 -14.35
C LYS B 154 -11.29 32.31 -14.28
N VAL B 155 -12.33 31.72 -13.69
CA VAL B 155 -12.46 30.27 -13.64
C VAL B 155 -13.72 29.77 -14.33
N PHE B 156 -14.60 30.65 -14.79
CA PHE B 156 -15.83 30.26 -15.47
C PHE B 156 -15.88 30.87 -16.87
N LYS B 157 -16.44 30.10 -17.81
CA LYS B 157 -16.69 30.57 -19.18
C LYS B 157 -18.04 30.03 -19.59
N GLU B 158 -19.09 30.82 -19.37
CA GLU B 158 -20.45 30.49 -19.79
C GLU B 158 -20.93 29.17 -19.18
N GLY B 159 -20.84 29.09 -17.86
CA GLY B 159 -21.26 27.90 -17.13
C GLY B 159 -20.21 26.79 -17.06
N SER B 160 -19.26 26.75 -17.99
CA SER B 160 -18.21 25.75 -17.94
C SER B 160 -17.09 26.21 -17.00
N CYS B 161 -16.36 25.24 -16.45
CA CYS B 161 -15.28 25.51 -15.50
C CYS B 161 -13.95 25.26 -16.19
N LEU B 162 -13.22 26.34 -16.46
CA LEU B 162 -11.89 26.26 -17.07
C LEU B 162 -11.23 27.63 -16.92
N LEU B 163 -9.90 27.62 -16.99
CA LEU B 163 -9.12 28.85 -16.88
C LEU B 163 -9.43 29.79 -18.04
N ALA B 164 -9.93 30.99 -17.71
CA ALA B 164 -10.28 31.99 -18.71
C ALA B 164 -9.36 33.20 -18.70
N ASP B 165 -8.68 33.48 -17.60
CA ASP B 165 -7.82 34.66 -17.52
C ASP B 165 -6.57 34.46 -18.38
N ASP B 166 -6.27 35.45 -19.22
CA ASP B 166 -5.14 35.32 -20.15
C ASP B 166 -3.81 35.34 -19.41
N ASN B 167 -3.64 36.30 -18.48
CA ASN B 167 -2.42 36.36 -17.70
C ASN B 167 -2.22 35.09 -16.88
N PHE B 168 -3.31 34.53 -16.36
CA PHE B 168 -3.24 33.24 -15.67
C PHE B 168 -2.65 32.17 -16.57
N VAL B 169 -3.21 32.03 -17.79
CA VAL B 169 -2.75 30.99 -18.69
C VAL B 169 -1.29 31.18 -19.05
N LEU B 170 -0.88 32.41 -19.36
CA LEU B 170 0.50 32.66 -19.77
C LEU B 170 1.48 32.39 -18.62
N ILE B 171 1.21 32.97 -17.44
CA ILE B 171 2.10 32.78 -16.31
C ILE B 171 2.16 31.30 -15.92
N GLY B 172 1.03 30.60 -16.00
CA GLY B 172 1.03 29.19 -15.67
C GLY B 172 1.83 28.37 -16.67
N SER B 173 1.65 28.63 -17.96
CA SER B 173 2.40 27.89 -18.98
C SER B 173 3.88 28.15 -18.88
N PHE B 174 4.29 29.35 -18.45
CA PHE B 174 5.72 29.60 -18.32
C PHE B 174 6.29 29.03 -17.02
N VAL B 175 5.66 29.32 -15.89
CA VAL B 175 6.23 28.93 -14.60
C VAL B 175 6.10 27.42 -14.38
N SER B 176 5.00 26.83 -14.84
CA SER B 176 4.71 25.44 -14.53
C SER B 176 4.95 24.48 -15.69
N PHE B 177 5.17 24.99 -16.91
CA PHE B 177 5.38 24.10 -18.05
C PHE B 177 6.67 24.40 -18.80
N PHE B 178 6.83 25.64 -19.26
CA PHE B 178 7.94 25.95 -20.17
C PHE B 178 9.28 25.93 -19.45
N ILE B 179 9.39 26.68 -18.36
CA ILE B 179 10.67 26.77 -17.64
C ILE B 179 11.15 25.41 -17.14
N PRO B 180 10.34 24.62 -16.43
CA PRO B 180 10.84 23.29 -16.02
C PRO B 180 11.16 22.40 -17.20
N LEU B 181 10.43 22.53 -18.31
CA LEU B 181 10.73 21.74 -19.51
C LEU B 181 12.12 22.06 -20.04
N THR B 182 12.43 23.36 -20.19
CA THR B 182 13.75 23.75 -20.68
C THR B 182 14.83 23.31 -19.71
N ILE B 183 14.61 23.50 -18.40
CA ILE B 183 15.62 23.08 -17.43
C ILE B 183 15.87 21.58 -17.51
N MET B 184 14.80 20.80 -17.68
CA MET B 184 14.96 19.35 -17.77
C MET B 184 15.73 18.96 -19.01
N VAL B 185 15.41 19.57 -20.16
CA VAL B 185 16.12 19.26 -21.39
C VAL B 185 17.61 19.56 -21.24
N ILE B 186 17.93 20.77 -20.75
CA ILE B 186 19.32 21.17 -20.61
C ILE B 186 20.06 20.22 -19.68
N THR B 187 19.47 19.96 -18.50
CA THR B 187 20.12 19.10 -17.53
C THR B 187 20.29 17.68 -18.05
N TYR B 188 19.29 17.18 -18.78
CA TYR B 188 19.37 15.84 -19.33
C TYR B 188 20.49 15.71 -20.35
N PHE B 189 20.61 16.69 -21.26
CA PHE B 189 21.67 16.62 -22.25
C PHE B 189 23.05 16.78 -21.61
N LEU B 190 23.18 17.67 -20.63
CA LEU B 190 24.45 17.77 -19.91
C LEU B 190 24.79 16.45 -19.23
N THR B 191 23.77 15.75 -18.71
CA THR B 191 24.01 14.49 -18.02
C THR B 191 24.45 13.39 -19.00
N ILE B 192 23.79 13.30 -20.17
CA ILE B 192 24.21 12.30 -21.14
C ILE B 192 25.62 12.59 -21.64
N LYS B 193 25.95 13.88 -21.79
CA LYS B 193 27.31 14.24 -22.21
C LYS B 193 28.33 13.82 -21.15
N SER B 194 28.03 14.09 -19.87
CA SER B 194 28.95 13.71 -18.81
C SER B 194 29.12 12.19 -18.74
N LEU B 195 28.03 11.44 -18.92
CA LEU B 195 28.13 9.98 -18.87
C LEU B 195 28.92 9.43 -20.04
N GLN B 196 28.73 10.00 -21.24
CA GLN B 196 29.52 9.58 -22.39
C GLN B 196 31.00 9.86 -22.17
N LYS B 197 31.33 11.05 -21.65
CA LYS B 197 32.73 11.36 -21.37
C LYS B 197 33.31 10.43 -20.33
N GLU B 198 32.53 10.10 -19.29
CA GLU B 198 33.01 9.18 -18.26
C GLU B 198 33.31 7.81 -18.84
N ALA B 199 32.38 7.29 -19.65
CA ALA B 199 32.59 5.97 -20.26
C ALA B 199 33.79 5.98 -21.21
N ALA B 200 33.95 7.05 -21.98
CA ALA B 200 35.09 7.14 -22.89
C ALA B 200 36.41 7.16 -22.13
N ASP B 201 36.49 7.97 -21.06
CA ASP B 201 37.72 8.03 -20.28
C ASP B 201 38.02 6.68 -19.62
N LEU B 202 36.98 5.99 -19.13
CA LEU B 202 37.20 4.69 -18.54
C LEU B 202 37.72 3.69 -19.57
N GLU B 203 37.12 3.69 -20.78
CA GLU B 203 37.61 2.81 -21.83
C GLU B 203 39.06 3.11 -22.19
N ASP B 204 39.42 4.39 -22.27
CA ASP B 204 40.79 4.76 -22.57
C ASP B 204 41.75 4.26 -21.49
N ASN B 205 41.38 4.45 -20.22
CA ASN B 205 42.25 4.01 -19.14
C ASN B 205 42.39 2.50 -19.12
N TRP B 206 41.31 1.76 -19.42
CA TRP B 206 41.39 0.31 -19.47
C TRP B 206 42.29 -0.16 -20.60
N GLU B 207 42.17 0.47 -21.78
CA GLU B 207 43.05 0.15 -22.89
C GLU B 207 44.50 0.41 -22.52
N THR B 208 44.78 1.54 -21.85
CA THR B 208 46.14 1.84 -21.43
C THR B 208 46.67 0.79 -20.47
N LEU B 209 45.86 0.40 -19.50
CA LEU B 209 46.27 -0.62 -18.53
C LEU B 209 46.62 -1.93 -19.22
N ASN B 210 45.77 -2.37 -20.16
CA ASN B 210 46.04 -3.63 -20.85
C ASN B 210 47.28 -3.53 -21.73
N ASP B 211 47.42 -2.43 -22.48
CA ASP B 211 48.59 -2.24 -23.32
C ASP B 211 49.87 -2.32 -22.48
N ASN B 212 49.91 -1.61 -21.36
CA ASN B 212 51.14 -1.60 -20.58
C ASN B 212 51.35 -2.91 -19.84
N LEU B 213 50.27 -3.63 -19.50
CA LEU B 213 50.43 -4.98 -18.97
C LEU B 213 51.12 -5.88 -19.99
N LYS B 214 50.67 -5.82 -21.25
CA LYS B 214 51.31 -6.60 -22.30
C LYS B 214 52.76 -6.21 -22.48
N VAL B 215 53.04 -4.90 -22.44
CA VAL B 215 54.42 -4.42 -22.54
C VAL B 215 55.27 -5.00 -21.43
N ILE B 216 54.73 -5.02 -20.20
CA ILE B 216 55.46 -5.61 -19.08
C ILE B 216 55.73 -7.09 -19.33
N GLU B 217 54.74 -7.81 -19.88
CA GLU B 217 54.89 -9.24 -20.13
C GLU B 217 56.10 -9.54 -21.00
N LYS B 218 56.45 -8.64 -21.93
CA LYS B 218 57.56 -8.85 -22.87
C LYS B 218 58.53 -7.70 -22.74
N ALA B 219 59.19 -7.59 -21.59
CA ALA B 219 60.13 -6.52 -21.31
C ALA B 219 61.52 -7.09 -21.07
N ASP B 220 62.54 -6.30 -21.42
CA ASP B 220 63.93 -6.73 -21.27
C ASP B 220 64.52 -6.31 -19.93
N ASN B 221 64.44 -5.03 -19.60
CA ASN B 221 65.15 -4.44 -18.47
C ASN B 221 64.14 -3.82 -17.50
N ALA B 222 64.67 -3.28 -16.41
CA ALA B 222 63.83 -2.68 -15.38
C ALA B 222 63.26 -1.32 -15.81
N ALA B 223 63.93 -0.63 -16.75
CA ALA B 223 63.45 0.68 -17.17
C ALA B 223 62.13 0.58 -17.91
N GLN B 224 62.01 -0.38 -18.84
CA GLN B 224 60.74 -0.58 -19.54
C GLN B 224 59.62 -0.91 -18.58
N VAL B 225 59.90 -1.79 -17.61
CA VAL B 225 58.90 -2.17 -16.62
C VAL B 225 58.48 -0.95 -15.81
N LYS B 226 59.45 -0.12 -15.42
CA LYS B 226 59.12 1.07 -14.63
C LYS B 226 58.27 2.04 -15.43
N ASP B 227 58.59 2.23 -16.71
CA ASP B 227 57.81 3.14 -17.55
C ASP B 227 56.38 2.65 -17.73
N ALA B 228 56.23 1.35 -18.03
CA ALA B 228 54.90 0.78 -18.19
C ALA B 228 54.10 0.87 -16.89
N LEU B 229 54.76 0.63 -15.75
CA LEU B 229 54.07 0.72 -14.47
C LEU B 229 53.69 2.16 -14.14
N THR B 230 54.51 3.13 -14.55
CA THR B 230 54.14 4.53 -14.35
C THR B 230 52.89 4.88 -15.13
N LYS B 231 52.84 4.47 -16.41
CA LYS B 231 51.65 4.71 -17.22
C LYS B 231 50.42 4.01 -16.62
N MET B 232 50.59 2.76 -16.17
CA MET B 232 49.48 2.04 -15.54
C MET B 232 49.01 2.75 -14.29
N ARG B 233 49.94 3.26 -13.48
CA ARG B 233 49.57 3.97 -12.26
C ARG B 233 48.78 5.23 -12.61
N ALA B 234 49.23 5.97 -13.62
CA ALA B 234 48.49 7.16 -14.05
C ALA B 234 47.08 6.80 -14.49
N ALA B 235 46.93 5.73 -15.27
CA ALA B 235 45.60 5.34 -15.75
C ALA B 235 44.69 4.92 -14.58
N ALA B 236 45.21 4.08 -13.68
CA ALA B 236 44.42 3.63 -12.54
C ALA B 236 44.05 4.80 -11.64
N LEU B 237 44.97 5.76 -11.49
CA LEU B 237 44.67 6.97 -10.74
C LEU B 237 43.56 7.76 -11.41
N ASP B 238 43.56 7.81 -12.75
CA ASP B 238 42.50 8.51 -13.48
C ASP B 238 41.15 7.86 -13.24
N ALA B 239 41.13 6.53 -13.12
CA ALA B 239 39.87 5.84 -12.89
C ALA B 239 39.39 5.96 -11.45
N GLY B 240 40.25 6.38 -10.53
CA GLY B 240 39.86 6.59 -9.15
C GLY B 240 40.94 6.22 -8.15
N GLY B 244 39.13 2.25 -4.36
CA GLY B 244 39.57 1.84 -5.68
C GLY B 244 41.06 2.05 -5.88
N ASP B 245 41.81 2.10 -4.78
CA ASP B 245 43.24 2.39 -4.83
C ASP B 245 44.07 1.23 -4.33
N ILE B 246 43.46 0.07 -4.08
CA ILE B 246 44.26 -1.12 -3.82
C ILE B 246 45.02 -1.50 -5.08
N LEU B 247 44.44 -1.19 -6.24
CA LEU B 247 45.17 -1.31 -7.50
C LEU B 247 46.42 -0.45 -7.48
N VAL B 248 46.27 0.79 -6.99
CA VAL B 248 47.41 1.69 -6.88
C VAL B 248 48.44 1.13 -5.90
N GLY B 249 47.98 0.48 -4.83
CA GLY B 249 48.92 -0.10 -3.89
C GLY B 249 49.70 -1.26 -4.48
N GLN B 250 49.03 -2.12 -5.23
CA GLN B 250 49.73 -3.23 -5.88
C GLN B 250 50.68 -2.73 -6.96
N ILE B 251 50.26 -1.71 -7.71
CA ILE B 251 51.14 -1.08 -8.69
C ILE B 251 52.35 -0.46 -8.01
N ASP B 252 52.16 0.11 -6.81
CA ASP B 252 53.28 0.68 -6.08
C ASP B 252 54.25 -0.39 -5.63
N ASP B 253 53.73 -1.55 -5.21
CA ASP B 253 54.59 -2.68 -4.87
C ASP B 253 55.41 -3.11 -6.08
N ALA B 254 54.74 -3.26 -7.23
CA ALA B 254 55.45 -3.64 -8.45
C ALA B 254 56.49 -2.60 -8.85
N LEU B 255 56.17 -1.31 -8.67
CA LEU B 255 57.11 -0.25 -8.99
C LEU B 255 58.34 -0.30 -8.08
N LYS B 256 58.12 -0.57 -6.79
CA LYS B 256 59.24 -0.73 -5.87
C LYS B 256 60.12 -1.91 -6.28
N LEU B 257 59.49 -3.02 -6.64
CA LEU B 257 60.25 -4.18 -7.12
C LEU B 257 61.07 -3.82 -8.35
N ALA B 258 60.47 -3.09 -9.30
CA ALA B 258 61.17 -2.74 -10.53
C ALA B 258 62.31 -1.77 -10.27
N ASN B 259 62.13 -0.84 -9.32
CA ASN B 259 63.17 0.14 -9.02
C ASN B 259 64.44 -0.53 -8.48
N GLU B 260 64.29 -1.69 -7.86
CA GLU B 260 65.42 -2.44 -7.34
C GLU B 260 66.05 -3.35 -8.39
N GLY B 261 65.61 -3.25 -9.64
CA GLY B 261 66.12 -4.10 -10.70
C GLY B 261 65.63 -5.52 -10.70
N LYS B 262 64.62 -5.84 -9.89
CA LYS B 262 64.08 -7.20 -9.80
C LYS B 262 62.94 -7.33 -10.82
N VAL B 263 63.25 -7.95 -11.96
CA VAL B 263 62.31 -7.97 -13.08
C VAL B 263 61.28 -9.08 -12.91
N LYS B 264 61.72 -10.29 -12.52
CA LYS B 264 60.81 -11.42 -12.41
C LYS B 264 59.68 -11.13 -11.43
N GLU B 265 60.03 -10.53 -10.28
CA GLU B 265 59.04 -10.22 -9.26
C GLU B 265 58.05 -9.18 -9.76
N ALA B 266 58.54 -8.18 -10.50
CA ALA B 266 57.64 -7.18 -11.08
C ALA B 266 56.69 -7.82 -12.08
N GLN B 267 57.17 -8.76 -12.88
CA GLN B 267 56.30 -9.42 -13.86
C GLN B 267 55.23 -10.26 -13.17
N ALA B 268 55.61 -10.95 -12.09
CA ALA B 268 54.60 -11.68 -11.31
C ALA B 268 53.57 -10.71 -10.71
N ALA B 269 54.03 -9.58 -10.20
CA ALA B 269 53.13 -8.57 -9.68
C ALA B 269 52.19 -8.07 -10.77
N ALA B 270 52.67 -7.93 -12.00
CA ALA B 270 51.81 -7.50 -13.10
C ALA B 270 50.75 -8.55 -13.42
N GLU B 271 51.13 -9.83 -13.44
CA GLU B 271 50.15 -10.88 -13.64
C GLU B 271 49.07 -10.82 -12.57
N GLN B 272 49.47 -10.58 -11.31
CA GLN B 272 48.48 -10.38 -10.25
C GLN B 272 47.62 -9.15 -10.51
N LEU B 273 48.24 -8.08 -11.03
CA LEU B 273 47.52 -6.84 -11.31
C LEU B 273 46.42 -7.06 -12.34
N LYS B 274 46.59 -8.05 -13.21
CA LYS B 274 45.61 -8.32 -14.26
C LYS B 274 44.22 -8.57 -13.68
N THR B 275 44.13 -9.45 -12.67
CA THR B 275 42.83 -9.80 -12.10
C THR B 275 42.17 -8.61 -11.42
N THR B 276 42.94 -7.85 -10.64
CA THR B 276 42.42 -6.65 -10.01
C THR B 276 41.89 -5.66 -11.05
N ILE B 277 42.63 -5.49 -12.15
CA ILE B 277 42.21 -4.57 -13.21
C ILE B 277 40.89 -5.04 -13.80
N ASN B 278 40.78 -6.33 -14.10
CA ASN B 278 39.55 -6.85 -14.68
C ASN B 278 38.35 -6.59 -13.75
N ALA B 279 38.50 -6.93 -12.47
CA ALA B 279 37.40 -6.78 -11.52
C ALA B 279 36.97 -5.32 -11.40
N TYR B 280 37.95 -4.42 -11.23
CA TYR B 280 37.69 -3.00 -11.00
C TYR B 280 37.08 -2.34 -12.23
N ILE B 281 37.58 -2.69 -13.42
CA ILE B 281 37.02 -2.15 -14.65
C ILE B 281 35.59 -2.63 -14.83
N GLN B 282 35.33 -3.91 -14.58
CA GLN B 282 33.97 -4.40 -14.71
C GLN B 282 33.02 -3.68 -13.76
N LYS B 283 33.45 -3.47 -12.51
CA LYS B 283 32.56 -2.82 -11.55
C LYS B 283 32.24 -1.41 -11.97
N TYR B 284 33.25 -0.65 -12.41
CA TYR B 284 33.03 0.75 -12.76
C TYR B 284 32.23 0.89 -14.05
N GLY B 285 32.54 0.10 -15.07
CA GLY B 285 31.75 0.15 -16.28
C GLY B 285 30.34 -0.29 -16.00
N GLN B 286 30.16 -1.19 -15.02
CA GLN B 286 28.82 -1.57 -14.61
C GLN B 286 28.07 -0.39 -14.01
N SER B 287 28.76 0.40 -13.18
CA SER B 287 28.15 1.60 -12.64
C SER B 287 27.75 2.58 -13.74
N ILE B 288 28.65 2.77 -14.71
CA ILE B 288 28.37 3.69 -15.82
C ILE B 288 27.17 3.20 -16.63
N SER B 289 27.09 1.89 -16.87
CA SER B 289 25.96 1.35 -17.63
C SER B 289 24.66 1.49 -16.84
N ASN B 290 24.71 1.31 -15.53
CA ASN B 290 23.50 1.49 -14.73
C ASN B 290 23.02 2.93 -14.79
N GLU B 291 23.95 3.89 -14.67
CA GLU B 291 23.56 5.29 -14.82
C GLU B 291 22.98 5.57 -16.19
N GLN B 292 23.58 5.00 -17.24
CA GLN B 292 23.08 5.20 -18.59
C GLN B 292 21.65 4.66 -18.73
N LYS B 293 21.38 3.48 -18.19
CA LYS B 293 20.05 2.89 -18.29
C LYS B 293 19.01 3.69 -17.50
N ALA B 294 19.38 4.14 -16.29
CA ALA B 294 18.47 4.98 -15.51
C ALA B 294 18.18 6.28 -16.24
N CYS B 295 19.21 6.86 -16.87
CA CYS B 295 19.03 8.05 -17.69
C CYS B 295 18.05 7.78 -18.82
N LYS B 296 18.16 6.60 -19.45
CA LYS B 296 17.26 6.26 -20.55
C LYS B 296 15.82 6.18 -20.06
N VAL B 297 15.60 5.56 -18.91
CA VAL B 297 14.24 5.41 -18.40
C VAL B 297 13.65 6.77 -18.04
N LEU B 298 14.41 7.58 -17.31
CA LEU B 298 13.89 8.89 -16.92
C LEU B 298 13.69 9.80 -18.13
N GLY B 299 14.50 9.63 -19.17
CA GLY B 299 14.25 10.38 -20.39
C GLY B 299 12.96 9.95 -21.07
N ILE B 300 12.69 8.65 -21.07
CA ILE B 300 11.41 8.16 -21.60
C ILE B 300 10.26 8.81 -20.84
N VAL B 301 10.36 8.84 -19.52
CA VAL B 301 9.30 9.41 -18.68
C VAL B 301 9.10 10.89 -19.01
N PHE B 302 10.20 11.65 -19.05
CA PHE B 302 10.10 13.08 -19.35
C PHE B 302 9.49 13.31 -20.72
N PHE B 303 9.91 12.53 -21.72
CA PHE B 303 9.38 12.70 -23.07
C PHE B 303 7.89 12.42 -23.12
N LEU B 304 7.45 11.34 -22.47
CA LEU B 304 6.02 11.03 -22.49
C LEU B 304 5.22 12.14 -21.81
N PHE B 305 5.67 12.59 -20.64
CA PHE B 305 4.95 13.62 -19.91
C PHE B 305 4.84 14.90 -20.74
N VAL B 306 5.94 15.34 -21.34
CA VAL B 306 5.94 16.60 -22.09
C VAL B 306 5.09 16.47 -23.36
N VAL B 307 5.27 15.37 -24.11
CA VAL B 307 4.59 15.22 -25.38
C VAL B 307 3.08 15.13 -25.19
N MET B 308 2.64 14.31 -24.23
CA MET B 308 1.20 14.10 -24.09
C MET B 308 0.47 15.34 -23.58
N TRP B 309 1.16 16.27 -22.91
CA TRP B 309 0.56 17.52 -22.50
C TRP B 309 0.71 18.63 -23.53
N CYS B 310 1.59 18.46 -24.51
CA CYS B 310 1.88 19.54 -25.45
C CYS B 310 0.69 19.95 -26.31
N PRO B 311 -0.16 19.04 -26.83
CA PRO B 311 -1.34 19.53 -27.57
C PRO B 311 -2.22 20.44 -26.75
N PHE B 312 -2.42 20.12 -25.47
CA PHE B 312 -3.26 20.94 -24.60
C PHE B 312 -2.68 22.34 -24.43
N PHE B 313 -1.39 22.44 -24.11
CA PHE B 313 -0.79 23.75 -23.89
C PHE B 313 -0.70 24.55 -25.19
N ILE B 314 -0.43 23.87 -26.30
CA ILE B 314 -0.40 24.56 -27.59
C ILE B 314 -1.77 25.13 -27.92
N THR B 315 -2.83 24.32 -27.76
CA THR B 315 -4.18 24.79 -28.05
C THR B 315 -4.60 25.91 -27.09
N ASN B 316 -4.17 25.84 -25.83
CA ASN B 316 -4.52 26.87 -24.87
C ASN B 316 -3.84 28.19 -25.19
N ILE B 317 -2.53 28.16 -25.46
CA ILE B 317 -1.81 29.36 -25.87
C ILE B 317 -2.41 29.93 -27.14
N MET B 318 -2.79 29.05 -28.08
CA MET B 318 -3.42 29.50 -29.32
C MET B 318 -4.73 30.21 -29.05
N ALA B 319 -5.58 29.62 -28.20
CA ALA B 319 -6.86 30.24 -27.88
C ALA B 319 -6.68 31.58 -27.17
N VAL B 320 -5.63 31.71 -26.35
CA VAL B 320 -5.40 32.97 -25.68
C VAL B 320 -4.87 34.02 -26.65
N ILE B 321 -4.06 33.61 -27.63
CA ILE B 321 -3.50 34.57 -28.58
C ILE B 321 -4.59 35.09 -29.51
N CYS B 322 -5.19 34.21 -30.31
CA CYS B 322 -6.27 34.59 -31.21
C CYS B 322 -7.60 34.38 -30.50
N LYS B 323 -7.98 35.37 -29.69
CA LYS B 323 -9.22 35.28 -28.93
C LYS B 323 -10.43 35.34 -29.86
N GLU B 324 -10.38 36.17 -30.90
CA GLU B 324 -11.45 36.26 -31.88
C GLU B 324 -11.02 35.89 -33.29
N SER B 325 -9.73 35.69 -33.55
CA SER B 325 -9.30 35.36 -34.89
C SER B 325 -9.52 33.89 -35.22
N CYS B 326 -9.27 33.00 -34.25
CA CYS B 326 -9.45 31.57 -34.46
C CYS B 326 -10.85 31.14 -34.01
N ASN B 327 -11.23 29.92 -34.44
CA ASN B 327 -12.52 29.35 -34.06
C ASN B 327 -12.44 28.81 -32.63
N GLU B 328 -13.32 29.29 -31.76
CA GLU B 328 -13.29 28.92 -30.35
C GLU B 328 -14.01 27.61 -30.03
N ASP B 329 -14.99 27.21 -30.84
CA ASP B 329 -15.74 25.98 -30.55
C ASP B 329 -14.87 24.74 -30.79
N VAL B 330 -14.22 24.70 -31.96
CA VAL B 330 -13.31 23.60 -32.25
C VAL B 330 -12.19 23.56 -31.21
N ILE B 331 -11.71 24.74 -30.79
CA ILE B 331 -10.68 24.81 -29.76
C ILE B 331 -11.19 24.25 -28.44
N GLY B 332 -12.45 24.52 -28.10
CA GLY B 332 -13.02 23.95 -26.90
C GLY B 332 -13.06 22.44 -26.94
N ALA B 333 -13.50 21.88 -28.08
CA ALA B 333 -13.49 20.42 -28.22
C ALA B 333 -12.07 19.86 -28.13
N LEU B 334 -11.12 20.53 -28.78
CA LEU B 334 -9.73 20.10 -28.74
C LEU B 334 -9.20 20.08 -27.32
N LEU B 335 -9.51 21.11 -26.54
CA LEU B 335 -9.09 21.13 -25.13
C LEU B 335 -9.74 20.00 -24.35
N ASN B 336 -11.04 19.76 -24.59
CA ASN B 336 -11.74 18.71 -23.87
C ASN B 336 -11.15 17.33 -24.17
N VAL B 337 -10.50 17.17 -25.33
CA VAL B 337 -9.83 15.91 -25.63
C VAL B 337 -8.39 15.89 -25.09
N PHE B 338 -7.67 17.01 -25.21
CA PHE B 338 -6.26 17.02 -24.87
C PHE B 338 -6.06 16.95 -23.36
N VAL B 339 -7.03 17.42 -22.58
CA VAL B 339 -6.95 17.26 -21.13
C VAL B 339 -6.93 15.77 -20.77
N TRP B 340 -7.73 14.96 -21.47
CA TRP B 340 -7.71 13.54 -21.20
C TRP B 340 -6.47 12.87 -21.77
N ILE B 341 -5.91 13.42 -22.85
CA ILE B 341 -4.59 12.96 -23.27
C ILE B 341 -3.58 13.15 -22.13
N GLY B 342 -3.62 14.30 -21.48
CA GLY B 342 -2.74 14.56 -20.35
C GLY B 342 -3.01 13.65 -19.15
N TYR B 343 -4.28 13.32 -18.92
CA TYR B 343 -4.57 12.38 -17.83
C TYR B 343 -4.04 10.98 -18.15
N LEU B 344 -4.11 10.57 -19.42
CA LEU B 344 -3.47 9.32 -19.80
C LEU B 344 -1.96 9.39 -19.56
N SER B 345 -1.36 10.57 -19.82
CA SER B 345 0.04 10.76 -19.45
C SER B 345 0.26 10.56 -17.96
N SER B 346 -0.64 11.10 -17.14
CA SER B 346 -0.59 10.85 -15.70
C SER B 346 -0.62 9.35 -15.40
N ALA B 347 -1.24 8.57 -16.27
CA ALA B 347 -1.31 7.12 -16.05
C ALA B 347 -0.12 6.34 -16.59
N VAL B 348 0.63 6.86 -17.57
CA VAL B 348 1.55 5.99 -18.32
C VAL B 348 2.75 5.50 -17.51
N ASN B 349 3.18 6.24 -16.48
CA ASN B 349 4.49 5.98 -15.89
C ASN B 349 4.68 4.57 -15.34
N PRO B 350 3.74 3.96 -14.60
CA PRO B 350 3.98 2.59 -14.13
C PRO B 350 4.22 1.59 -15.25
N LEU B 351 3.58 1.75 -16.40
CA LEU B 351 3.84 0.85 -17.51
C LEU B 351 5.28 0.94 -17.96
N VAL B 352 5.84 2.15 -18.01
CA VAL B 352 7.24 2.33 -18.36
C VAL B 352 8.14 1.69 -17.31
N TYR B 353 7.82 1.89 -16.03
CA TYR B 353 8.61 1.25 -14.98
C TYR B 353 8.60 -0.26 -15.15
N THR B 354 7.47 -0.83 -15.55
CA THR B 354 7.40 -2.27 -15.78
C THR B 354 8.25 -2.69 -16.96
N LEU B 355 8.19 -1.94 -18.07
CA LEU B 355 8.85 -2.37 -19.29
C LEU B 355 10.37 -2.33 -19.19
N PHE B 356 10.93 -1.38 -18.44
CA PHE B 356 12.36 -1.15 -18.47
C PHE B 356 13.08 -1.40 -17.15
N ASN B 357 12.38 -1.76 -16.08
CA ASN B 357 12.99 -2.00 -14.79
C ASN B 357 12.58 -3.37 -14.28
N LYS B 358 13.56 -4.24 -14.03
CA LYS B 358 13.25 -5.60 -13.60
C LYS B 358 12.80 -5.67 -12.15
N THR B 359 13.34 -4.83 -11.29
CA THR B 359 12.90 -4.81 -9.89
C THR B 359 11.45 -4.36 -9.79
N TYR B 360 11.11 -3.25 -10.46
CA TYR B 360 9.71 -2.81 -10.53
C TYR B 360 8.82 -3.88 -11.13
N ARG B 361 9.29 -4.56 -12.18
CA ARG B 361 8.46 -5.55 -12.86
C ARG B 361 8.19 -6.74 -11.94
N SER B 362 9.22 -7.23 -11.27
CA SER B 362 9.04 -8.33 -10.32
C SER B 362 8.13 -7.92 -9.17
N ALA B 363 8.33 -6.70 -8.65
CA ALA B 363 7.48 -6.23 -7.56
C ALA B 363 6.01 -6.17 -7.98
N PHE B 364 5.74 -5.65 -9.18
CA PHE B 364 4.37 -5.56 -9.64
C PHE B 364 3.78 -6.94 -9.89
N SER B 365 4.56 -7.84 -10.51
CA SER B 365 4.08 -9.19 -10.76
C SER B 365 3.73 -9.91 -9.47
N ARG B 366 4.50 -9.65 -8.40
CA ARG B 366 4.20 -10.28 -7.11
C ARG B 366 3.06 -9.58 -6.39
N TYR B 367 2.87 -8.28 -6.59
CA TYR B 367 1.77 -7.59 -5.91
C TYR B 367 0.43 -7.93 -6.53
N ILE B 368 0.38 -8.07 -7.86
CA ILE B 368 -0.88 -8.39 -8.54
C ILE B 368 -1.42 -9.72 -8.05
N GLN B 369 -0.54 -10.70 -7.82
CA GLN B 369 -0.94 -12.01 -7.35
C GLN B 369 -0.99 -12.11 -5.83
N CYS B 370 -0.76 -11.01 -5.12
CA CYS B 370 -0.79 -10.98 -3.66
C CYS B 370 0.20 -11.96 -3.05
N GLN B 371 1.40 -11.99 -3.61
CA GLN B 371 2.51 -12.81 -3.11
C GLN B 371 3.51 -11.84 -2.51
N TYR B 372 3.51 -11.73 -1.18
CA TYR B 372 4.33 -10.75 -0.50
C TYR B 372 5.51 -11.35 0.25
N LYS B 373 5.62 -12.68 0.28
CA LYS B 373 6.78 -13.34 0.85
C LYS B 373 7.81 -13.59 -0.25
N GLU B 374 9.03 -13.91 0.17
CA GLU B 374 10.11 -14.19 -0.78
C GLU B 374 11.02 -15.31 -0.29
C1 ZOT C . -28.04 3.13 5.91
C10 ZOT C . -25.87 -0.35 9.38
C11 ZOT C . -24.72 0.24 8.86
C12 ZOT C . -25.95 2.28 7.52
C13 ZOT C . -25.69 3.03 6.38
C14 ZOT C . -26.73 3.44 5.56
C15 ZOT C . -23.56 -0.51 8.70
C16 ZOT C . -23.55 -1.87 9.04
C17 ZOT C . -24.71 -2.46 9.54
C18 ZOT C . -25.86 -1.71 9.70
C2 ZOT C . -28.30 2.39 7.06
C3 ZOT C . -27.26 1.99 7.87
C4 ZOT C . -27.75 1.26 8.94
C5 ZOT C . -29.16 1.70 10.70
C6 ZOT C . -29.85 3.03 11.01
C7 ZOT C . -31.56 4.13 12.29
C8 ZOT C . -31.86 1.85 11.52
C9 ZOT C . -27.12 0.20 9.60
N1 ZOT C . -30.90 2.83 12.02
O1 ZOT C . -29.02 1.58 9.28
S1 ZOT C . -24.46 1.90 8.38
CL1 ZOT C . -29.34 3.61 4.93
C1 CLR D . -16.67 8.48 19.87
C2 CLR D . -17.45 9.78 19.80
C3 CLR D . -18.96 9.54 19.85
C4 CLR D . -19.32 8.82 21.15
C5 CLR D . -18.48 7.57 21.25
C6 CLR D . -19.11 6.41 21.48
C7 CLR D . -18.38 5.08 21.61
C8 CLR D . -16.94 5.32 22.03
C9 CLR D . -16.29 6.33 21.07
C10 CLR D . -16.98 7.69 21.15
C11 CLR D . -14.77 6.43 21.29
C12 CLR D . -14.05 5.09 21.32
C13 CLR D . -14.72 4.15 22.32
C14 CLR D . -16.17 4.01 21.94
C15 CLR D . -16.69 2.84 22.77
C16 CLR D . -15.48 1.91 22.83
C17 CLR D . -14.26 2.70 22.33
C18 CLR D . -14.60 4.70 23.75
C19 CLR D . -16.46 8.45 22.36
C20 CLR D . -13.02 2.37 23.17
C21 CLR D . -11.74 2.74 22.44
C22 CLR D . -13.04 0.90 23.55
C23 CLR D . -11.66 0.36 23.91
C24 CLR D . -11.67 -1.17 23.89
C25 CLR D . -10.27 -1.73 24.16
C26 CLR D . -9.99 -1.87 25.66
C27 CLR D . -10.08 -3.07 23.44
O1 CLR D . -19.65 10.79 19.77
OH2 1PE E . -3.52 -26.53 2.89
C12 1PE E . -2.48 -27.46 3.18
C22 1PE E . -1.71 -27.79 1.90
OH3 1PE E . -0.66 -28.72 2.21
C13 1PE E . -0.06 -30.83 3.16
C23 1PE E . -1.20 -29.95 2.67
OH4 1PE E . 0.61 -30.16 4.23
C14 1PE E . 0.63 -29.67 6.61
C24 1PE E . -0.14 -30.30 5.44
OH5 1PE E . -0.10 -29.81 7.82
C15 1PE E . -1.77 -28.06 7.68
C25 1PE E . -0.46 -28.52 8.33
OH6 1PE E . -2.12 -26.76 8.18
C16 1PE E . -3.78 -26.46 6.38
C26 1PE E . -3.49 -26.46 7.90
OH7 1PE E . -3.01 -25.47 5.70
ZN ZN F . 1.42 -18.83 10.65
C1 ZOT G . -2.50 26.42 -16.99
C10 ZOT G . -0.47 21.48 -16.13
C11 ZOT G . 0.33 22.23 -15.27
C12 ZOT G . -1.09 24.57 -15.46
C13 ZOT G . -0.84 25.94 -15.32
C14 ZOT G . -1.53 26.86 -16.10
C15 ZOT G . 1.64 21.83 -14.99
C16 ZOT G . 2.16 20.70 -15.60
C17 ZOT G . 1.38 19.96 -16.48
C18 ZOT G . 0.07 20.34 -16.75
C2 ZOT G . -2.78 25.07 -17.10
C3 ZOT G . -2.08 24.14 -16.34
C4 ZOT G . -2.51 22.86 -16.64
C5 ZOT G . -4.59 21.84 -16.52
C6 ZOT G . -5.91 22.48 -16.09
C7 ZOT G . -8.16 22.15 -15.33
C8 ZOT G . -7.32 20.91 -17.21
C9 ZOT G . -1.77 21.68 -16.56
N1 ZOT G . -6.98 21.49 -15.91
O1 ZOT G . -3.77 22.83 -17.16
S1 ZOT G . -0.08 23.66 -14.36
CL1 ZOT G . -3.37 27.55 -17.95
C1 PLM H . -4.41 -9.72 -5.11
O2 PLM H . -3.72 -10.75 -5.34
C2 PLM H . -5.75 -9.65 -5.95
C3 PLM H . -6.75 -8.58 -5.51
C4 PLM H . -7.85 -8.28 -6.56
C5 PLM H . -8.54 -6.93 -6.35
C6 PLM H . -9.88 -6.78 -7.10
C7 PLM H . -10.72 -5.59 -6.63
C8 PLM H . -11.94 -5.26 -7.52
C9 PLM H . -12.66 -3.97 -7.10
C1 CLR I . -3.08 -4.20 -6.29
C2 CLR I . -2.25 -5.40 -5.84
C3 CLR I . -1.90 -5.32 -4.36
C4 CLR I . -3.19 -5.32 -3.57
C5 CLR I . -4.06 -4.19 -4.06
C6 CLR I . -4.51 -3.29 -3.17
C7 CLR I . -5.39 -2.11 -3.54
C8 CLR I . -6.12 -2.43 -4.84
C9 CLR I . -5.12 -2.85 -5.91
C10 CLR I . -4.40 -4.13 -5.54
C11 CLR I . -5.77 -2.96 -7.30
C12 CLR I . -6.65 -1.77 -7.69
C13 CLR I . -7.65 -1.47 -6.58
C14 CLR I . -6.86 -1.19 -5.33
C15 CLR I . -7.84 -0.52 -4.37
C16 CLR I . -8.74 0.29 -5.30
C17 CLR I . -8.48 -0.19 -6.73
C18 CLR I . -8.58 -2.65 -6.37
C19 CLR I . -5.26 -5.34 -5.88
C20 CLR I . -9.79 -0.41 -7.48
C21 CLR I . -9.60 -0.43 -8.99
C22 CLR I . -10.83 0.64 -7.09
C23 CLR I . -10.71 1.90 -7.93
C24 CLR I . -11.61 3.01 -7.37
C25 CLR I . -11.95 4.05 -8.43
C26 CLR I . -12.81 3.42 -9.53
C27 CLR I . -12.64 5.27 -7.83
O1 CLR I . -1.08 -6.43 -3.97
CA A6L J . 3.65 -7.05 2.45
C A6L J . 4.58 -7.33 3.59
O A6L J . 4.34 -7.14 4.78
C3 A6L J . 2.18 -7.07 2.87
C4 A6L J . 1.21 -6.62 1.77
C5 A6L J . -0.17 -6.25 2.32
C6 A6L J . -1.23 -6.05 1.23
C7 A6L J . -2.64 -5.77 1.79
C8 A6L J . -3.79 -5.95 0.77
C9 A6L J . -4.38 -7.32 0.69
C10 A6L J . -5.68 -7.65 0.58
C11 A6L J . -6.86 -6.75 0.51
C12 A6L J . -7.41 -6.51 -0.93
C13 A6L J . -8.81 -5.87 -0.89
C14 A6L J . -8.89 -4.51 -1.59
C15 A6L J . -10.24 -4.32 -2.29
C16 A6L J . -10.56 -2.85 -2.57
C17 A6L J . -11.39 -2.69 -3.85
C18 A6L J . -12.63 -1.83 -3.65
OXT A6L J . 5.80 -7.82 3.21
#